data_3SNX
#
_entry.id   3SNX
#
_cell.length_a   64.112
_cell.length_b   114.452
_cell.length_c   67.663
_cell.angle_alpha   90.000
_cell.angle_beta   90.020
_cell.angle_gamma   90.000
#
_symmetry.space_group_name_H-M   'P 1 21 1'
#
loop_
_entity.id
_entity.type
_entity.pdbx_description
1 polymer 'PUTATIVE SUSD-LIKE CARBOHYDRATE BINDING PROTEIN'
2 non-polymer DI(HYDROXYETHYL)ETHER
3 non-polymer 1,2-ETHANEDIOL
4 water water
#
_entity_poly.entity_id   1
_entity_poly.type   'polypeptide(L)'
_entity_poly.pdbx_seq_one_letter_code
;GVSSDQVAVAGNAERLFNGAWYNLFEYGTTYANIGYRALQCQDD(MSE)(MSE)ASDVVSRPKYGFNSSYQFNDVAIPSD
GRTSFAWYLIYKTIDNCNTAISIKGDSEELRQAQGQALALRAFCYLHLVQHYQFTYLKDKDAPCVPIYTEPTTSGTKPKG
KSTVAQVYQQIFDDLNLAQDYLTNYVRKGDGQKFKPNTDVVNGL(MSE)ARAYLLTGQWGEAAKAAEAARKGYSL(MSE)
TTTAEYEGFNNISNKEWIWGSPQTLSQSDASYNFYYLDATYVGAYSSF(MSE)ADPHL(MSE)DTFVKGDIRLPLFQW
(MSE)REGYLGYKKFH(MSE)RSDDTADLVL(MSE)RSAE(MSE)YLIEAEAKVRDGVALDQAVAPLNTLRTARGVGNYD
VTGKTKEQVIDEIL(MSE)ERRRELWGEGFGITDVLRNQKAVER(MSE)ALSED(MSE)QKTEVDCWQEGGSFAKRNPLG
HWFLNFPDGKAFSANSSYYLYAIPEKEINANPNL
;
_entity_poly.pdbx_strand_id   A,B
#
loop_
_chem_comp.id
_chem_comp.type
_chem_comp.name
_chem_comp.formula
EDO non-polymer 1,2-ETHANEDIOL 'C2 H6 O2'
PEG non-polymer DI(HYDROXYETHYL)ETHER 'C4 H10 O3'
#
# COMPACT_ATOMS: atom_id res chain seq x y z
N GLN A 6 -24.77 38.22 -6.98
CA GLN A 6 -23.44 38.87 -6.80
C GLN A 6 -22.32 38.02 -7.43
N VAL A 7 -21.06 38.44 -7.20
CA VAL A 7 -19.88 37.76 -7.73
C VAL A 7 -19.31 36.72 -6.76
N ALA A 8 -20.10 36.34 -5.75
CA ALA A 8 -19.75 35.26 -4.85
C ALA A 8 -19.71 33.91 -5.58
N VAL A 9 -20.48 33.80 -6.66
CA VAL A 9 -20.51 32.60 -7.50
C VAL A 9 -19.13 32.29 -8.11
N ALA A 10 -18.43 33.34 -8.55
CA ALA A 10 -17.06 33.18 -9.07
C ALA A 10 -16.11 32.76 -7.95
N GLY A 11 -16.36 33.26 -6.74
CA GLY A 11 -15.65 32.81 -5.53
C GLY A 11 -15.79 31.32 -5.26
N ASN A 12 -16.96 30.77 -5.58
CA ASN A 12 -17.22 29.34 -5.39
C ASN A 12 -16.43 28.48 -6.36
N ALA A 13 -16.45 28.83 -7.65
CA ALA A 13 -15.68 28.15 -8.68
C ALA A 13 -14.20 28.26 -8.34
N GLU A 14 -13.80 29.44 -7.86
CA GLU A 14 -12.42 29.72 -7.46
C GLU A 14 -12.03 28.84 -6.28
N ARG A 15 -12.96 28.66 -5.32
CA ARG A 15 -12.75 27.77 -4.18
C ARG A 15 -12.49 26.31 -4.61
N LEU A 16 -13.31 25.82 -5.53
CA LEU A 16 -13.19 24.43 -5.99
C LEU A 16 -11.89 24.20 -6.77
N PHE A 17 -11.45 25.18 -7.56
CA PHE A 17 -10.18 25.05 -8.30
C PHE A 17 -9.01 24.98 -7.34
N ASN A 18 -9.01 25.87 -6.36
CA ASN A 18 -7.95 25.88 -5.36
C ASN A 18 -8.00 24.60 -4.55
N GLY A 19 -9.20 24.07 -4.35
CA GLY A 19 -9.39 22.78 -3.69
C GLY A 19 -8.84 21.64 -4.54
N ALA A 20 -9.13 21.68 -5.84
CA ALA A 20 -8.62 20.67 -6.76
C ALA A 20 -7.10 20.75 -6.79
N TRP A 21 -6.58 21.97 -6.79
CA TRP A 21 -5.13 22.17 -6.84
C TRP A 21 -4.48 21.69 -5.54
N TYR A 22 -5.07 22.06 -4.40
CA TYR A 22 -4.60 21.57 -3.11
C TYR A 22 -4.50 20.04 -3.09
N ASN A 23 -5.58 19.36 -3.48
CA ASN A 23 -5.62 17.89 -3.50
C ASN A 23 -4.48 17.27 -4.32
N LEU A 24 -4.36 17.72 -5.56
CA LEU A 24 -3.39 17.17 -6.50
C LEU A 24 -1.97 17.18 -5.94
N PHE A 25 -1.61 18.23 -5.22
CA PHE A 25 -0.23 18.36 -4.73
C PHE A 25 0.01 17.96 -3.27
N GLU A 26 -0.98 18.20 -2.43
CA GLU A 26 -0.79 17.99 -0.99
C GLU A 26 -1.34 16.67 -0.44
N TYR A 27 -2.22 16.00 -1.20
CA TYR A 27 -2.86 14.78 -0.71
C TYR A 27 -1.91 13.60 -0.80
N GLY A 28 -1.76 12.90 0.32
CA GLY A 28 -0.80 11.79 0.43
C GLY A 28 -1.28 10.65 1.31
N THR A 29 -1.16 9.42 0.81
CA THR A 29 -1.58 8.23 1.57
C THR A 29 -0.46 7.73 2.50
N THR A 30 0.78 7.90 2.05
CA THR A 30 1.98 7.49 2.77
C THR A 30 3.06 8.55 2.55
N TYR A 31 4.29 8.30 3.02
CA TYR A 31 5.39 9.27 2.79
C TYR A 31 6.08 9.13 1.41
N ALA A 32 5.83 8.03 0.72
CA ALA A 32 6.32 7.81 -0.62
C ALA A 32 5.24 8.15 -1.66
N ASN A 33 4.06 8.58 -1.19
CA ASN A 33 2.91 8.88 -2.06
C ASN A 33 2.23 10.18 -1.63
N ILE A 34 2.99 11.28 -1.55
CA ILE A 34 2.42 12.62 -1.32
C ILE A 34 2.25 13.40 -2.66
N GLY A 35 1.01 13.49 -3.14
CA GLY A 35 0.67 14.36 -4.28
C GLY A 35 1.23 14.02 -5.65
N TYR A 36 1.08 14.95 -6.60
CA TYR A 36 1.51 14.72 -7.98
C TYR A 36 3.04 14.59 -8.14
N ARG A 37 3.79 15.19 -7.24
CA ARG A 37 5.26 15.11 -7.28
C ARG A 37 5.82 13.70 -7.09
N ALA A 38 5.16 12.87 -6.27
CA ALA A 38 5.54 11.45 -6.13
C ALA A 38 5.30 10.70 -7.45
N LEU A 39 4.26 11.08 -8.18
CA LEU A 39 4.04 10.50 -9.52
C LEU A 39 5.10 10.94 -10.54
N GLN A 40 5.58 12.18 -10.41
CA GLN A 40 6.69 12.65 -11.23
C GLN A 40 7.98 11.90 -10.85
N CYS A 41 8.18 11.69 -9.55
CA CYS A 41 9.29 10.84 -9.06
C CYS A 41 9.20 9.39 -9.60
N GLN A 42 7.99 8.83 -9.56
CA GLN A 42 7.73 7.49 -10.09
C GLN A 42 8.11 7.36 -11.56
N ASP A 43 7.67 8.36 -12.33
CA ASP A 43 7.78 8.33 -13.79
C ASP A 43 9.21 8.48 -14.30
N ASP A 44 10.09 9.11 -13.53
CA ASP A 44 11.51 9.22 -13.91
C ASP A 44 12.32 8.03 -13.41
N MSE A 45 12.05 7.63 -12.16
CA MSE A 45 12.77 6.52 -11.56
C MSE A 45 12.50 5.25 -12.36
O MSE A 45 13.43 4.49 -12.66
CB MSE A 45 12.41 6.38 -10.08
CG MSE A 45 13.15 5.28 -9.35
SE MSE A 45 15.09 5.51 -9.38
CE MSE A 45 15.31 6.66 -7.93
N MSE A 46 11.25 5.06 -12.79
CA MSE A 46 10.95 3.82 -13.52
C MSE A 46 11.47 3.83 -14.96
O MSE A 46 11.21 2.86 -15.69
CB MSE A 46 9.44 3.52 -13.51
CG MSE A 46 8.69 4.21 -14.58
SE MSE A 46 6.77 4.18 -14.25
CE MSE A 46 6.46 2.44 -15.00
N ALA A 47 12.20 4.87 -15.38
CA ALA A 47 12.61 5.03 -16.78
C ALA A 47 14.12 4.74 -16.92
N SER A 48 14.84 5.58 -17.64
CA SER A 48 16.21 5.21 -18.11
C SER A 48 17.35 5.98 -17.45
N ASP A 49 17.05 7.13 -16.86
CA ASP A 49 18.11 8.09 -16.53
C ASP A 49 18.38 8.28 -15.04
N VAL A 50 17.61 7.64 -14.17
CA VAL A 50 17.83 7.73 -12.75
C VAL A 50 18.33 6.39 -12.19
N VAL A 51 19.33 6.46 -11.34
CA VAL A 51 19.93 5.28 -10.74
C VAL A 51 19.51 5.24 -9.29
N SER A 52 18.82 4.18 -8.88
CA SER A 52 18.27 4.12 -7.52
C SER A 52 19.37 3.86 -6.50
N ARG A 53 19.50 4.78 -5.56
CA ARG A 53 20.27 4.59 -4.36
C ARG A 53 19.24 4.00 -3.38
N PRO A 54 19.33 2.68 -3.10
CA PRO A 54 18.23 1.98 -2.43
C PRO A 54 17.77 2.63 -1.13
N LYS A 55 16.50 3.02 -1.11
CA LYS A 55 15.94 3.80 -0.03
C LYS A 55 14.41 3.67 -0.08
N TYR A 56 13.75 3.92 1.05
CA TYR A 56 12.31 4.07 1.08
C TYR A 56 11.86 5.02 -0.04
N GLY A 57 10.84 4.63 -0.80
CA GLY A 57 10.21 5.54 -1.75
C GLY A 57 10.07 4.99 -3.16
N PHE A 58 11.18 4.98 -3.89
CA PHE A 58 11.13 4.66 -5.31
C PHE A 58 12.14 3.63 -5.77
N ASN A 59 12.77 2.92 -4.83
CA ASN A 59 13.53 1.71 -5.19
C ASN A 59 12.60 0.71 -5.89
N SER A 60 11.36 0.56 -5.37
CA SER A 60 10.32 -0.25 -6.04
C SER A 60 10.11 0.17 -7.50
N SER A 61 10.01 1.48 -7.74
CA SER A 61 9.81 2.04 -9.09
C SER A 61 10.93 1.58 -10.05
N TYR A 62 12.17 1.66 -9.57
CA TYR A 62 13.36 1.30 -10.34
C TYR A 62 13.37 -0.18 -10.73
N GLN A 63 12.78 -1.03 -9.86
CA GLN A 63 12.74 -2.47 -10.07
C GLN A 63 11.41 -2.96 -10.69
N PHE A 64 10.62 -2.01 -11.21
CA PHE A 64 9.31 -2.31 -11.81
C PHE A 64 8.46 -3.19 -10.89
N ASN A 65 8.32 -2.72 -9.65
CA ASN A 65 7.64 -3.44 -8.57
C ASN A 65 6.66 -2.54 -7.82
N ASP A 66 5.80 -1.84 -8.55
CA ASP A 66 4.72 -1.09 -7.90
C ASP A 66 3.51 -0.78 -8.80
N VAL A 67 3.63 0.11 -9.77
CA VAL A 67 2.42 0.68 -10.42
C VAL A 67 1.70 -0.23 -11.43
N ALA A 68 2.39 -1.25 -11.95
CA ALA A 68 1.76 -2.27 -12.80
C ALA A 68 1.05 -3.37 -12.00
N ILE A 69 1.25 -3.38 -10.68
CA ILE A 69 0.61 -4.35 -9.78
C ILE A 69 -0.76 -3.81 -9.33
N PRO A 70 -1.86 -4.46 -9.78
CA PRO A 70 -3.21 -3.90 -9.53
C PRO A 70 -3.64 -3.66 -8.07
N SER A 71 -3.11 -4.44 -7.14
CA SER A 71 -3.40 -4.28 -5.70
C SER A 71 -2.34 -3.45 -4.91
N ASP A 72 -1.32 -2.93 -5.60
CA ASP A 72 -0.27 -2.12 -4.94
C ASP A 72 -0.79 -0.76 -4.44
N GLY A 73 -0.17 -0.26 -3.36
CA GLY A 73 -0.56 1.00 -2.72
C GLY A 73 -0.45 2.23 -3.60
N ARG A 74 0.67 2.37 -4.30
CA ARG A 74 0.87 3.49 -5.22
C ARG A 74 -0.15 3.50 -6.34
N THR A 75 -0.41 2.32 -6.90
CA THR A 75 -1.42 2.13 -7.93
C THR A 75 -2.77 2.74 -7.54
N SER A 76 -3.20 2.50 -6.31
CA SER A 76 -4.48 3.02 -5.82
C SER A 76 -4.42 4.54 -5.60
N PHE A 77 -3.40 4.98 -4.87
CA PHE A 77 -3.09 6.41 -4.73
C PHE A 77 -3.21 7.19 -6.05
N ALA A 78 -2.49 6.72 -7.08
CA ALA A 78 -2.39 7.43 -8.38
C ALA A 78 -3.75 7.68 -9.05
N TRP A 79 -4.55 6.61 -9.14
CA TRP A 79 -5.92 6.66 -9.66
C TRP A 79 -6.85 7.61 -8.93
N TYR A 80 -6.96 7.48 -7.61
CA TYR A 80 -7.95 8.28 -6.87
C TYR A 80 -7.55 9.75 -6.73
N LEU A 81 -6.25 10.02 -6.63
CA LEU A 81 -5.74 11.39 -6.57
C LEU A 81 -6.14 12.21 -7.84
N ILE A 82 -5.99 11.59 -9.00
CA ILE A 82 -6.28 12.25 -10.28
C ILE A 82 -7.81 12.41 -10.50
N TYR A 83 -8.57 11.33 -10.28
CA TYR A 83 -10.06 11.39 -10.34
C TYR A 83 -10.68 12.25 -9.25
N LYS A 84 -10.05 12.31 -8.07
CA LYS A 84 -10.46 13.27 -7.04
C LYS A 84 -10.31 14.71 -7.54
N THR A 85 -9.16 14.99 -8.15
CA THR A 85 -8.90 16.28 -8.80
C THR A 85 -9.88 16.57 -9.93
N ILE A 86 -10.20 15.56 -10.73
CA ILE A 86 -11.15 15.74 -11.83
C ILE A 86 -12.56 16.11 -11.34
N ASP A 87 -12.96 15.56 -10.20
CA ASP A 87 -14.33 15.74 -9.68
C ASP A 87 -14.54 17.15 -9.12
N ASN A 88 -13.53 17.68 -8.44
CA ASN A 88 -13.55 19.08 -8.01
C ASN A 88 -13.63 20.03 -9.22
N CYS A 89 -12.83 19.74 -10.25
CA CYS A 89 -12.88 20.50 -11.51
C CYS A 89 -14.27 20.43 -12.15
N ASN A 90 -14.84 19.23 -12.19
CA ASN A 90 -16.20 19.02 -12.73
C ASN A 90 -17.22 19.89 -12.02
N THR A 91 -17.08 20.03 -10.71
CA THR A 91 -18.00 20.83 -9.89
C THR A 91 -17.89 22.33 -10.23
N ALA A 92 -16.66 22.83 -10.29
CA ALA A 92 -16.39 24.21 -10.74
C ALA A 92 -16.96 24.49 -12.13
N ILE A 93 -16.76 23.56 -13.05
CA ILE A 93 -17.21 23.75 -14.43
C ILE A 93 -18.75 23.71 -14.53
N SER A 94 -19.40 23.10 -13.54
CA SER A 94 -20.87 22.94 -13.53
C SER A 94 -21.62 24.18 -13.00
N ILE A 95 -20.90 25.07 -12.32
CA ILE A 95 -21.52 26.26 -11.74
C ILE A 95 -22.09 27.16 -12.83
N LYS A 96 -23.37 27.50 -12.69
CA LYS A 96 -24.06 28.40 -13.59
C LYS A 96 -23.87 29.84 -13.12
N GLY A 97 -23.76 30.76 -14.06
CA GLY A 97 -23.42 32.14 -13.75
C GLY A 97 -22.93 32.88 -14.97
N ASP A 98 -22.65 34.17 -14.79
CA ASP A 98 -22.29 35.03 -15.93
C ASP A 98 -21.42 36.20 -15.48
N SER A 99 -20.12 35.95 -15.35
CA SER A 99 -19.15 36.99 -15.04
C SER A 99 -17.81 36.63 -15.65
N GLU A 100 -16.93 37.62 -15.71
CA GLU A 100 -15.57 37.44 -16.22
C GLU A 100 -14.80 36.52 -15.29
N GLU A 101 -14.88 36.81 -13.99
CA GLU A 101 -14.14 36.05 -12.97
C GLU A 101 -14.55 34.56 -12.91
N LEU A 102 -15.84 34.29 -13.05
CA LEU A 102 -16.34 32.91 -13.08
C LEU A 102 -15.77 32.15 -14.27
N ARG A 103 -15.83 32.77 -15.45
CA ARG A 103 -15.35 32.17 -16.69
C ARG A 103 -13.84 31.91 -16.62
N GLN A 104 -13.11 32.83 -16.00
CA GLN A 104 -11.67 32.63 -15.77
C GLN A 104 -11.41 31.44 -14.84
N ALA A 105 -12.11 31.41 -13.71
CA ALA A 105 -12.02 30.33 -12.72
C ALA A 105 -12.32 28.98 -13.36
N GLN A 106 -13.40 28.91 -14.12
CA GLN A 106 -13.79 27.70 -14.85
C GLN A 106 -12.79 27.36 -15.98
N GLY A 107 -12.25 28.39 -16.63
CA GLY A 107 -11.17 28.20 -17.60
C GLY A 107 -10.01 27.46 -16.96
N GLN A 108 -9.64 27.87 -15.75
CA GLN A 108 -8.57 27.23 -15.00
C GLN A 108 -8.91 25.78 -14.66
N ALA A 109 -10.14 25.58 -14.18
CA ALA A 109 -10.73 24.26 -13.95
C ALA A 109 -10.70 23.35 -15.18
N LEU A 110 -11.03 23.91 -16.35
CA LEU A 110 -11.03 23.15 -17.60
C LEU A 110 -9.59 22.79 -17.97
N ALA A 111 -8.68 23.73 -17.78
CA ALA A 111 -7.24 23.49 -18.07
C ALA A 111 -6.67 22.36 -17.20
N LEU A 112 -7.05 22.34 -15.93
CA LEU A 112 -6.60 21.33 -14.96
C LEU A 112 -7.22 19.96 -15.26
N ARG A 113 -8.50 19.97 -15.66
CA ARG A 113 -9.15 18.74 -16.09
C ARG A 113 -8.48 18.15 -17.32
N ALA A 114 -8.15 19.01 -18.31
CA ALA A 114 -7.45 18.54 -19.50
C ALA A 114 -6.08 17.99 -19.12
N PHE A 115 -5.41 18.62 -18.16
CA PHE A 115 -4.11 18.11 -17.66
C PHE A 115 -4.22 16.73 -16.97
N CYS A 116 -5.30 16.52 -16.22
CA CYS A 116 -5.54 15.25 -15.52
C CYS A 116 -5.83 14.12 -16.52
N TYR A 117 -6.59 14.42 -17.56
CA TYR A 117 -6.91 13.43 -18.58
C TYR A 117 -5.70 13.18 -19.48
N LEU A 118 -4.83 14.20 -19.65
CA LEU A 118 -3.54 13.99 -20.33
C LEU A 118 -2.65 13.03 -19.53
N HIS A 119 -2.63 13.19 -18.21
CA HIS A 119 -1.97 12.20 -17.35
C HIS A 119 -2.56 10.78 -17.56
N LEU A 120 -3.88 10.67 -17.46
CA LEU A 120 -4.57 9.39 -17.52
C LEU A 120 -4.36 8.61 -18.81
N VAL A 121 -4.55 9.28 -19.96
CA VAL A 121 -4.46 8.62 -21.27
C VAL A 121 -3.03 8.10 -21.52
N GLN A 122 -2.05 8.81 -20.99
CA GLN A 122 -0.64 8.46 -21.20
C GLN A 122 -0.16 7.36 -20.26
N HIS A 123 -0.83 7.20 -19.12
CA HIS A 123 -0.33 6.26 -18.10
C HIS A 123 -0.99 4.89 -18.08
N TYR A 124 -2.21 4.78 -18.65
CA TYR A 124 -3.07 3.58 -18.53
C TYR A 124 -3.33 2.81 -19.83
N GLN A 125 -2.77 3.28 -20.95
CA GLN A 125 -2.82 2.57 -22.20
C GLN A 125 -1.67 3.05 -23.08
N PHE A 126 -1.22 2.20 -24.00
CA PHE A 126 -0.14 2.59 -24.90
C PHE A 126 -0.56 3.74 -25.83
N THR A 127 0.43 4.28 -26.54
CA THR A 127 0.33 5.64 -27.06
C THR A 127 -0.69 5.80 -28.18
N TYR A 128 -1.21 7.01 -28.30
CA TYR A 128 -2.20 7.32 -29.32
C TYR A 128 -1.81 6.78 -30.69
N LEU A 129 -0.59 7.05 -31.12
CA LEU A 129 -0.15 6.66 -32.47
C LEU A 129 0.15 5.16 -32.61
N LYS A 130 0.14 4.41 -31.51
CA LYS A 130 0.20 2.94 -31.58
C LYS A 130 -1.18 2.37 -31.93
N ASP A 131 -2.18 2.83 -31.19
CA ASP A 131 -3.57 2.39 -31.41
C ASP A 131 -4.54 3.37 -30.75
N LYS A 132 -5.15 4.21 -31.57
CA LYS A 132 -5.90 5.37 -31.07
C LYS A 132 -7.32 5.03 -30.61
N ASP A 133 -7.81 3.87 -31.04
CA ASP A 133 -9.13 3.43 -30.62
C ASP A 133 -9.10 2.35 -29.51
N ALA A 134 -7.94 2.11 -28.88
CA ALA A 134 -7.85 1.16 -27.75
C ALA A 134 -8.56 1.71 -26.51
N PRO A 135 -9.20 0.82 -25.74
CA PRO A 135 -9.78 1.24 -24.45
C PRO A 135 -8.77 1.91 -23.52
N CYS A 136 -9.21 2.94 -22.81
CA CYS A 136 -8.33 3.66 -21.90
C CYS A 136 -8.87 3.72 -20.47
N VAL A 137 -9.62 4.77 -20.14
CA VAL A 137 -10.12 4.97 -18.80
C VAL A 137 -11.52 5.58 -18.91
N PRO A 138 -12.32 5.50 -17.84
CA PRO A 138 -13.62 6.20 -17.83
C PRO A 138 -13.48 7.71 -17.76
N ILE A 139 -14.31 8.41 -18.55
CA ILE A 139 -14.34 9.87 -18.59
C ILE A 139 -15.57 10.35 -17.82
N TYR A 140 -15.35 11.14 -16.78
CA TYR A 140 -16.41 11.81 -16.02
C TYR A 140 -16.22 13.32 -16.18
N THR A 141 -17.29 13.99 -16.61
CA THR A 141 -17.29 15.44 -16.74
C THR A 141 -18.35 16.11 -15.86
N GLU A 142 -19.34 15.34 -15.41
CA GLU A 142 -20.34 15.83 -14.48
C GLU A 142 -19.85 15.61 -13.06
N PRO A 143 -20.27 16.47 -12.12
CA PRO A 143 -19.84 16.28 -10.73
C PRO A 143 -20.43 14.99 -10.14
N THR A 144 -19.61 14.25 -9.40
CA THR A 144 -20.01 12.97 -8.78
C THR A 144 -21.00 13.21 -7.65
N THR A 145 -22.17 12.58 -7.73
CA THR A 145 -23.21 12.68 -6.70
C THR A 145 -23.57 11.27 -6.16
N SER A 146 -24.67 11.19 -5.39
CA SER A 146 -25.14 9.90 -4.87
C SER A 146 -25.89 9.07 -5.93
N GLY A 147 -26.31 9.69 -7.04
CA GLY A 147 -26.94 8.98 -8.15
C GLY A 147 -26.01 8.63 -9.31
N THR A 148 -24.72 8.92 -9.16
CA THR A 148 -23.74 8.66 -10.23
C THR A 148 -23.31 7.21 -10.23
N LYS A 149 -23.50 6.52 -11.35
CA LYS A 149 -23.03 5.16 -11.52
C LYS A 149 -21.60 5.18 -12.07
N PRO A 150 -20.79 4.13 -11.81
CA PRO A 150 -19.48 4.01 -12.46
C PRO A 150 -19.62 3.83 -13.99
N LYS A 151 -18.59 4.23 -14.74
CA LYS A 151 -18.60 4.16 -16.20
C LYS A 151 -17.54 3.20 -16.75
N GLY A 152 -17.85 2.61 -17.90
CA GLY A 152 -16.87 1.82 -18.65
C GLY A 152 -15.78 2.70 -19.24
N LYS A 153 -14.79 2.06 -19.85
CA LYS A 153 -13.68 2.77 -20.50
C LYS A 153 -14.08 3.50 -21.78
N SER A 154 -13.58 4.72 -21.95
CA SER A 154 -13.59 5.41 -23.23
C SER A 154 -12.30 5.03 -23.96
N THR A 155 -12.22 5.34 -25.25
CA THR A 155 -11.00 5.04 -26.03
C THR A 155 -9.93 6.10 -25.82
N VAL A 156 -8.72 5.80 -26.27
CA VAL A 156 -7.63 6.76 -26.21
C VAL A 156 -8.00 8.02 -27.00
N ALA A 157 -8.63 7.82 -28.17
CA ALA A 157 -9.04 8.92 -29.05
C ALA A 157 -10.16 9.77 -28.44
N GLN A 158 -11.00 9.13 -27.62
CA GLN A 158 -12.11 9.82 -26.94
C GLN A 158 -11.62 10.64 -25.75
N VAL A 159 -10.57 10.18 -25.07
CA VAL A 159 -9.98 10.97 -24.00
C VAL A 159 -9.26 12.20 -24.56
N TYR A 160 -8.48 12.03 -25.64
CA TYR A 160 -7.82 13.16 -26.31
C TYR A 160 -8.86 14.16 -26.85
N GLN A 161 -9.93 13.65 -27.41
CA GLN A 161 -11.01 14.54 -27.80
C GLN A 161 -11.45 15.41 -26.62
N GLN A 162 -11.72 14.79 -25.46
CA GLN A 162 -12.16 15.52 -24.27
C GLN A 162 -11.10 16.52 -23.83
N ILE A 163 -9.84 16.10 -23.89
CA ILE A 163 -8.71 16.98 -23.62
C ILE A 163 -8.78 18.22 -24.52
N PHE A 164 -8.94 17.99 -25.83
CA PHE A 164 -8.98 19.10 -26.81
C PHE A 164 -10.19 20.02 -26.59
N ASP A 165 -11.35 19.42 -26.35
CA ASP A 165 -12.56 20.21 -26.02
C ASP A 165 -12.34 21.12 -24.83
N ASP A 166 -11.77 20.58 -23.76
CA ASP A 166 -11.51 21.36 -22.56
C ASP A 166 -10.45 22.44 -22.77
N LEU A 167 -9.36 22.11 -23.46
CA LEU A 167 -8.30 23.07 -23.78
C LEU A 167 -8.78 24.20 -24.71
N ASN A 168 -9.68 23.88 -25.63
CA ASN A 168 -10.24 24.90 -26.52
C ASN A 168 -11.18 25.86 -25.81
N LEU A 169 -11.93 25.37 -24.82
CA LEU A 169 -12.85 26.21 -24.02
C LEU A 169 -12.06 27.00 -22.97
N ALA A 170 -11.00 26.39 -22.43
CA ALA A 170 -10.09 27.10 -21.54
C ALA A 170 -9.42 28.30 -22.23
N GLN A 171 -8.97 28.13 -23.47
CA GLN A 171 -8.35 29.24 -24.22
C GLN A 171 -9.32 30.42 -24.29
N ASP A 172 -10.53 30.10 -24.73
CA ASP A 172 -11.61 31.08 -24.86
C ASP A 172 -11.88 31.78 -23.52
N TYR A 173 -11.97 31.02 -22.43
CA TYR A 173 -12.29 31.58 -21.11
C TYR A 173 -11.16 32.36 -20.43
N LEU A 174 -9.91 32.05 -20.76
CA LEU A 174 -8.76 32.74 -20.18
C LEU A 174 -8.17 33.84 -21.10
N THR A 175 -8.95 34.28 -22.10
CA THR A 175 -8.44 35.29 -23.04
CA THR A 175 -8.48 35.31 -23.05
C THR A 175 -7.98 36.54 -22.31
N ASN A 176 -8.82 37.07 -21.42
CA ASN A 176 -8.49 38.29 -20.70
C ASN A 176 -7.81 38.11 -19.35
N TYR A 177 -7.48 36.87 -18.96
CA TYR A 177 -6.91 36.62 -17.62
C TYR A 177 -5.41 36.95 -17.55
N VAL A 178 -5.07 37.85 -16.63
CA VAL A 178 -3.66 38.18 -16.36
C VAL A 178 -3.30 37.79 -14.92
N ARG A 179 -2.24 37.00 -14.77
CA ARG A 179 -1.76 36.58 -13.46
C ARG A 179 -1.30 37.76 -12.61
N LYS A 180 -1.82 37.83 -11.38
CA LYS A 180 -1.44 38.88 -10.44
C LYS A 180 -0.24 38.44 -9.60
N GLY A 181 0.92 38.32 -10.25
CA GLY A 181 2.18 37.96 -9.57
C GLY A 181 2.68 36.53 -9.73
N ASP A 182 3.94 36.31 -9.36
CA ASP A 182 4.60 34.99 -9.50
C ASP A 182 4.02 33.91 -8.58
N GLY A 183 3.39 34.32 -7.47
CA GLY A 183 2.66 33.41 -6.58
C GLY A 183 1.37 32.83 -7.18
N GLN A 184 0.89 33.46 -8.26
CA GLN A 184 -0.28 33.03 -9.01
C GLN A 184 0.08 32.19 -10.24
N LYS A 185 1.34 31.76 -10.33
CA LYS A 185 1.80 30.99 -11.49
C LYS A 185 1.34 29.52 -11.46
N PHE A 186 0.61 29.14 -10.41
CA PHE A 186 -0.08 27.85 -10.37
C PHE A 186 -1.43 27.89 -11.10
N LYS A 187 -2.00 29.09 -11.25
CA LYS A 187 -3.20 29.28 -12.03
C LYS A 187 -2.94 29.14 -13.53
N PRO A 188 -3.62 28.20 -14.20
CA PRO A 188 -3.47 28.18 -15.64
C PRO A 188 -3.87 29.53 -16.27
N ASN A 189 -3.09 29.92 -17.28
CA ASN A 189 -3.34 31.09 -18.10
C ASN A 189 -3.16 30.70 -19.56
N THR A 190 -3.28 31.68 -20.47
CA THR A 190 -3.19 31.41 -21.90
C THR A 190 -1.90 30.65 -22.24
N ASP A 191 -0.79 31.06 -21.65
CA ASP A 191 0.50 30.35 -21.88
C ASP A 191 0.38 28.83 -21.53
N VAL A 192 -0.26 28.53 -20.39
CA VAL A 192 -0.40 27.15 -19.96
C VAL A 192 -1.30 26.39 -20.92
N VAL A 193 -2.44 26.96 -21.32
CA VAL A 193 -3.26 26.29 -22.31
C VAL A 193 -2.55 25.95 -23.61
N ASN A 194 -1.63 26.81 -24.05
CA ASN A 194 -0.88 26.58 -25.28
C ASN A 194 0.17 25.50 -25.05
N GLY A 195 0.75 25.51 -23.86
CA GLY A 195 1.67 24.45 -23.46
C GLY A 195 1.03 23.08 -23.49
N LEU A 196 -0.17 22.96 -22.91
CA LEU A 196 -0.89 21.70 -22.84
C LEU A 196 -1.37 21.26 -24.22
N MSE A 197 -1.82 22.23 -25.02
CA MSE A 197 -2.15 21.99 -26.42
C MSE A 197 -0.93 21.45 -27.16
O MSE A 197 -1.01 20.45 -27.89
CB MSE A 197 -2.67 23.26 -27.08
CG MSE A 197 -4.10 23.61 -26.68
SE MSE A 197 -4.67 25.22 -27.61
CE MSE A 197 -6.53 25.33 -27.01
N ALA A 198 0.21 22.12 -26.97
CA ALA A 198 1.48 21.66 -27.52
C ALA A 198 1.72 20.19 -27.19
N ARG A 199 1.60 19.82 -25.92
CA ARG A 199 1.80 18.43 -25.50
C ARG A 199 0.79 17.49 -26.19
N ALA A 200 -0.48 17.90 -26.15
CA ALA A 200 -1.54 17.14 -26.79
C ALA A 200 -1.33 16.93 -28.29
N TYR A 201 -1.02 18.01 -29.02
CA TYR A 201 -0.79 17.92 -30.46
C TYR A 201 0.35 16.96 -30.74
N LEU A 202 1.41 17.11 -29.96
CA LEU A 202 2.58 16.26 -30.12
C LEU A 202 2.19 14.78 -29.95
N LEU A 203 1.33 14.49 -28.95
CA LEU A 203 0.94 13.11 -28.61
C LEU A 203 0.02 12.49 -29.67
N THR A 204 -0.74 13.34 -30.37
CA THR A 204 -1.62 12.88 -31.43
C THR A 204 -1.01 13.08 -32.83
N GLY A 205 0.27 13.45 -32.89
CA GLY A 205 0.97 13.49 -34.18
C GLY A 205 0.58 14.62 -35.11
N GLN A 206 0.13 15.73 -34.53
CA GLN A 206 -0.19 16.94 -35.25
C GLN A 206 1.01 17.86 -35.11
N TRP A 207 2.05 17.53 -35.89
CA TRP A 207 3.36 18.14 -35.71
C TRP A 207 3.34 19.65 -35.95
N GLY A 208 2.64 20.08 -37.01
CA GLY A 208 2.58 21.51 -37.34
C GLY A 208 1.96 22.31 -36.21
N GLU A 209 0.79 21.84 -35.76
CA GLU A 209 0.10 22.44 -34.61
C GLU A 209 0.95 22.39 -33.35
N ALA A 210 1.61 21.26 -33.11
CA ALA A 210 2.52 21.11 -31.97
C ALA A 210 3.54 22.25 -31.89
N ALA A 211 4.22 22.53 -33.00
CA ALA A 211 5.27 23.57 -33.05
C ALA A 211 4.67 24.95 -32.81
N LYS A 212 3.58 25.22 -33.50
CA LYS A 212 2.87 26.48 -33.34
C LYS A 212 2.50 26.78 -31.87
N ALA A 213 1.90 25.81 -31.18
CA ALA A 213 1.47 25.98 -29.77
C ALA A 213 2.63 26.22 -28.81
N ALA A 214 3.71 25.47 -29.03
CA ALA A 214 4.88 25.52 -28.15
C ALA A 214 5.55 26.91 -28.11
N GLU A 215 5.83 27.43 -29.32
CA GLU A 215 6.40 28.77 -29.57
C GLU A 215 5.55 29.86 -28.93
N ALA A 216 4.24 29.76 -29.14
CA ALA A 216 3.31 30.68 -28.49
C ALA A 216 3.28 30.50 -26.97
N ALA A 217 3.45 29.27 -26.49
CA ALA A 217 3.41 29.01 -25.05
C ALA A 217 4.54 29.68 -24.28
N ARG A 218 5.70 29.84 -24.92
CA ARG A 218 6.86 30.41 -24.25
C ARG A 218 6.95 31.95 -24.36
N LYS A 219 5.84 32.63 -24.70
CA LYS A 219 5.81 34.09 -24.86
C LYS A 219 6.20 34.82 -23.59
N GLY A 220 7.25 35.62 -23.66
CA GLY A 220 7.67 36.43 -22.50
C GLY A 220 8.78 35.77 -21.68
N TYR A 221 8.85 34.44 -21.74
CA TYR A 221 9.78 33.64 -20.94
C TYR A 221 11.17 33.66 -21.59
N SER A 222 12.23 33.69 -20.77
CA SER A 222 13.60 33.61 -21.30
C SER A 222 14.21 32.25 -20.94
N LEU A 223 15.53 32.12 -21.11
CA LEU A 223 16.22 30.88 -20.79
C LEU A 223 17.36 31.24 -19.85
N MSE A 224 17.49 30.46 -18.78
CA MSE A 224 18.60 30.60 -17.85
C MSE A 224 19.88 30.36 -18.64
O MSE A 224 19.89 29.54 -19.56
CB MSE A 224 18.56 29.53 -16.75
CG MSE A 224 17.33 29.56 -15.83
SE MSE A 224 17.42 28.07 -14.55
CE MSE A 224 16.41 26.78 -15.52
N THR A 225 20.95 31.02 -18.23
CA THR A 225 22.21 31.00 -18.99
C THR A 225 23.45 30.68 -18.16
N THR A 226 23.30 30.53 -16.84
CA THR A 226 24.46 30.27 -15.96
C THR A 226 24.24 29.06 -15.08
N THR A 227 25.35 28.43 -14.65
CA THR A 227 25.30 27.34 -13.68
C THR A 227 24.60 27.72 -12.40
N ALA A 228 24.87 28.93 -11.90
CA ALA A 228 24.31 29.40 -10.62
C ALA A 228 22.79 29.52 -10.65
N GLU A 229 22.26 30.00 -11.77
CA GLU A 229 20.80 30.04 -11.99
C GLU A 229 20.18 28.64 -12.09
N TYR A 230 20.90 27.70 -12.69
CA TYR A 230 20.34 26.38 -12.99
C TYR A 230 20.18 25.49 -11.75
N GLU A 231 21.12 25.60 -10.82
CA GLU A 231 21.12 24.79 -9.59
C GLU A 231 20.03 25.25 -8.63
N GLY A 232 19.02 24.39 -8.41
CA GLY A 232 18.10 24.59 -7.29
C GLY A 232 16.69 24.15 -7.61
N PHE A 233 16.20 24.58 -8.76
CA PHE A 233 14.87 24.17 -9.26
C PHE A 233 13.80 24.17 -8.18
N ASN A 234 13.71 25.25 -7.41
CA ASN A 234 12.89 25.31 -6.22
C ASN A 234 12.20 26.66 -6.03
N ASN A 235 12.12 27.47 -7.09
CA ASN A 235 11.57 28.82 -6.97
C ASN A 235 10.71 29.16 -8.18
N ILE A 236 9.47 29.55 -7.89
CA ILE A 236 8.45 29.75 -8.92
C ILE A 236 8.68 31.06 -9.70
N SER A 237 9.46 31.97 -9.11
CA SER A 237 9.85 33.21 -9.79
C SER A 237 10.85 32.98 -10.91
N ASN A 238 11.46 31.80 -10.98
CA ASN A 238 12.36 31.49 -12.08
C ASN A 238 11.74 31.85 -13.44
N LYS A 239 12.55 32.43 -14.32
CA LYS A 239 12.10 33.00 -15.59
C LYS A 239 11.69 31.96 -16.64
N GLU A 240 12.14 30.72 -16.48
CA GLU A 240 11.79 29.66 -17.43
C GLU A 240 10.47 29.04 -17.07
N TRP A 241 10.02 29.23 -15.82
CA TRP A 241 8.84 28.51 -15.32
C TRP A 241 7.57 29.17 -15.82
N ILE A 242 6.85 28.46 -16.68
CA ILE A 242 5.54 28.88 -17.18
C ILE A 242 4.42 28.46 -16.22
N TRP A 243 4.68 27.44 -15.38
CA TRP A 243 3.66 26.81 -14.52
C TRP A 243 4.38 26.09 -13.39
N GLY A 244 3.90 26.29 -12.16
CA GLY A 244 4.37 25.53 -11.01
C GLY A 244 3.47 25.67 -9.80
N SER A 245 3.82 24.98 -8.73
CA SER A 245 3.06 25.11 -7.49
C SER A 245 3.93 25.73 -6.38
N PRO A 246 3.43 26.81 -5.77
CA PRO A 246 4.19 27.44 -4.70
C PRO A 246 4.02 26.68 -3.38
N GLN A 247 5.13 26.50 -2.67
CA GLN A 247 5.17 25.82 -1.38
C GLN A 247 5.65 26.78 -0.32
N THR A 248 5.01 26.73 0.85
CA THR A 248 5.22 27.68 1.93
C THR A 248 5.25 26.95 3.29
N LEU A 249 5.76 27.61 4.33
CA LEU A 249 5.82 27.00 5.66
C LEU A 249 4.48 26.35 6.04
N SER A 250 3.38 27.07 5.79
CA SER A 250 2.04 26.59 6.17
C SER A 250 1.43 25.51 5.27
N GLN A 251 1.87 25.45 4.01
CA GLN A 251 1.35 24.49 3.04
C GLN A 251 2.49 23.94 2.19
N SER A 252 3.14 22.88 2.71
CA SER A 252 4.36 22.35 2.12
CA SER A 252 4.34 22.33 2.06
C SER A 252 4.50 20.83 2.25
N ASP A 253 3.38 20.10 2.23
CA ASP A 253 3.46 18.63 2.33
C ASP A 253 4.21 18.04 1.15
N ALA A 254 3.91 18.54 -0.06
CA ALA A 254 4.55 18.08 -1.30
C ALA A 254 6.08 18.18 -1.30
N SER A 255 6.62 19.18 -0.58
CA SER A 255 8.06 19.38 -0.48
C SER A 255 8.81 18.21 0.18
N TYR A 256 8.10 17.38 0.97
CA TYR A 256 8.67 16.10 1.48
C TYR A 256 9.32 15.30 0.35
N ASN A 257 8.75 15.41 -0.84
CA ASN A 257 9.32 14.75 -2.02
C ASN A 257 10.74 15.18 -2.34
N PHE A 258 11.17 16.35 -1.85
CA PHE A 258 12.55 16.81 -2.06
C PHE A 258 13.57 16.10 -1.18
N TYR A 259 13.10 15.31 -0.22
CA TYR A 259 13.99 14.44 0.56
C TYR A 259 14.54 13.30 -0.30
N TYR A 260 13.80 12.93 -1.35
CA TYR A 260 14.30 11.96 -2.34
C TYR A 260 15.19 12.59 -3.41
N LEU A 261 14.76 13.75 -3.94
CA LEU A 261 15.40 14.41 -5.08
C LEU A 261 16.72 15.13 -4.78
N ASP A 262 16.79 15.81 -3.64
CA ASP A 262 17.95 16.64 -3.28
C ASP A 262 19.17 15.78 -2.94
N ALA A 263 20.11 15.72 -3.89
CA ALA A 263 21.31 14.90 -3.76
C ALA A 263 22.22 15.21 -2.55
N THR A 264 22.24 16.46 -2.12
CA THR A 264 23.19 16.92 -1.09
C THR A 264 22.51 17.22 0.24
N TYR A 265 21.24 16.84 0.38
CA TYR A 265 20.54 17.01 1.67
C TYR A 265 21.18 16.11 2.71
N VAL A 266 21.42 16.65 3.91
CA VAL A 266 22.01 15.84 5.00
C VAL A 266 20.94 15.16 5.85
N GLY A 267 20.93 13.84 5.84
CA GLY A 267 20.08 13.07 6.74
C GLY A 267 18.70 12.76 6.16
N ALA A 268 18.57 12.87 4.84
CA ALA A 268 17.33 12.55 4.14
C ALA A 268 17.56 11.28 3.32
N TYR A 269 16.79 11.10 2.26
CA TYR A 269 16.91 9.90 1.43
C TYR A 269 17.98 10.03 0.34
N SER A 270 17.93 11.15 -0.40
CA SER A 270 18.85 11.40 -1.54
C SER A 270 19.04 10.14 -2.36
N SER A 271 17.94 9.65 -2.93
CA SER A 271 17.89 8.37 -3.63
C SER A 271 17.84 8.50 -5.17
N PHE A 272 17.66 9.72 -5.68
CA PHE A 272 17.66 9.93 -7.15
C PHE A 272 19.07 10.29 -7.63
N MSE A 273 19.86 9.27 -7.94
CA MSE A 273 21.21 9.51 -8.49
C MSE A 273 21.14 9.48 -10.01
O MSE A 273 20.15 8.99 -10.56
CB MSE A 273 22.19 8.45 -7.94
CG MSE A 273 22.42 8.50 -6.43
SE MSE A 273 23.42 10.04 -5.76
CE MSE A 273 21.92 10.97 -4.93
N ALA A 274 22.16 10.00 -10.70
CA ALA A 274 22.13 10.11 -12.17
C ALA A 274 22.89 8.98 -12.83
N ASP A 275 22.44 8.56 -14.01
CA ASP A 275 23.15 7.55 -14.79
C ASP A 275 24.41 8.20 -15.31
N PRO A 276 25.59 7.66 -14.95
CA PRO A 276 26.80 8.31 -15.48
C PRO A 276 26.86 8.39 -17.02
N HIS A 277 26.21 7.46 -17.71
CA HIS A 277 26.23 7.45 -19.17
C HIS A 277 25.48 8.65 -19.75
N LEU A 278 24.51 9.19 -19.01
CA LEU A 278 23.84 10.40 -19.44
C LEU A 278 24.77 11.61 -19.29
N MSE A 279 25.56 11.62 -18.22
CA MSE A 279 26.54 12.69 -18.00
CA MSE A 279 26.53 12.68 -17.99
C MSE A 279 27.56 12.70 -19.14
O MSE A 279 28.03 13.77 -19.54
CB MSE A 279 27.28 12.53 -16.66
CB MSE A 279 27.16 12.51 -16.61
CG MSE A 279 28.18 13.74 -16.33
CG MSE A 279 28.21 13.54 -16.26
SE MSE A 279 29.66 13.41 -15.10
SE MSE A 279 29.93 13.00 -16.93
CE MSE A 279 30.50 11.93 -16.05
CE MSE A 279 30.24 11.48 -15.74
N ASP A 280 27.88 11.52 -19.68
CA ASP A 280 28.85 11.40 -20.80
C ASP A 280 28.38 12.00 -22.12
N THR A 281 27.11 12.40 -22.19
CA THR A 281 26.55 12.96 -23.39
C THR A 281 26.59 14.51 -23.36
N PHE A 282 26.98 15.10 -22.22
CA PHE A 282 27.08 16.55 -22.10
C PHE A 282 28.37 17.07 -22.74
N VAL A 283 28.25 18.13 -23.54
CA VAL A 283 29.41 18.80 -24.11
C VAL A 283 30.09 19.65 -23.03
N LYS A 284 31.43 19.61 -22.99
CA LYS A 284 32.22 20.45 -22.08
C LYS A 284 31.87 21.91 -22.29
N GLY A 285 31.69 22.63 -21.19
CA GLY A 285 31.26 24.02 -21.23
C GLY A 285 29.76 24.20 -20.96
N ASP A 286 29.00 23.11 -21.08
CA ASP A 286 27.55 23.13 -20.82
C ASP A 286 27.32 23.54 -19.37
N ILE A 287 26.41 24.49 -19.13
CA ILE A 287 26.23 25.05 -17.77
C ILE A 287 25.70 24.04 -16.75
N ARG A 288 25.20 22.91 -17.24
CA ARG A 288 24.64 21.87 -16.38
C ARG A 288 25.70 20.90 -15.84
N LEU A 289 26.83 20.79 -16.53
CA LEU A 289 27.89 19.82 -16.20
C LEU A 289 28.45 19.91 -14.79
N PRO A 290 28.72 21.15 -14.32
CA PRO A 290 29.23 21.28 -12.95
C PRO A 290 28.29 20.76 -11.87
N LEU A 291 27.01 20.57 -12.19
CA LEU A 291 26.07 20.05 -11.20
C LEU A 291 26.28 18.55 -10.90
N PHE A 292 26.95 17.83 -11.80
CA PHE A 292 27.31 16.45 -11.52
C PHE A 292 28.43 16.37 -10.49
N GLN A 293 28.39 15.34 -9.64
CA GLN A 293 29.31 15.22 -8.51
C GLN A 293 29.28 13.79 -7.98
N TRP A 294 30.41 13.11 -8.06
CA TRP A 294 30.54 11.79 -7.43
C TRP A 294 30.43 11.99 -5.92
N MSE A 295 29.67 11.13 -5.28
CA MSE A 295 29.33 11.34 -3.88
C MSE A 295 28.95 10.07 -3.15
O MSE A 295 28.73 9.03 -3.76
CB MSE A 295 28.15 12.34 -3.79
CG MSE A 295 26.98 11.93 -4.64
SE MSE A 295 25.37 12.91 -4.09
CE MSE A 295 26.15 14.60 -3.67
N ARG A 296 28.91 10.19 -1.83
CA ARG A 296 28.35 9.17 -0.95
C ARG A 296 29.03 7.81 -1.18
N GLU A 297 28.28 6.80 -1.61
CA GLU A 297 28.80 5.44 -1.73
C GLU A 297 29.55 5.18 -3.04
N GLY A 298 29.54 6.16 -3.96
CA GLY A 298 30.12 6.01 -5.29
C GLY A 298 29.16 6.40 -6.41
N TYR A 299 27.99 6.90 -6.03
CA TYR A 299 27.00 7.31 -7.01
C TYR A 299 27.37 8.68 -7.58
N LEU A 300 26.98 8.91 -8.84
CA LEU A 300 27.06 10.23 -9.46
C LEU A 300 25.80 11.01 -9.11
N GLY A 301 25.94 11.99 -8.23
CA GLY A 301 24.85 12.93 -7.95
C GLY A 301 24.68 13.92 -9.10
N TYR A 302 23.50 14.52 -9.19
CA TYR A 302 23.24 15.62 -10.11
C TYR A 302 22.48 16.64 -9.27
N LYS A 303 23.15 17.74 -8.93
CA LYS A 303 22.68 18.66 -7.90
C LYS A 303 21.64 19.66 -8.44
N LYS A 304 20.72 19.14 -9.25
CA LYS A 304 19.74 19.99 -9.94
C LYS A 304 18.67 20.50 -8.99
N PHE A 305 18.23 19.66 -8.05
CA PHE A 305 17.16 20.01 -7.09
C PHE A 305 17.68 20.21 -5.68
N HIS A 306 17.14 21.22 -5.00
CA HIS A 306 17.54 21.58 -3.63
C HIS A 306 16.39 22.12 -2.81
N MSE A 307 16.24 21.60 -1.59
CA MSE A 307 15.42 22.26 -0.57
C MSE A 307 15.98 23.66 -0.29
O MSE A 307 17.19 23.84 -0.26
CB MSE A 307 15.40 21.49 0.75
CG MSE A 307 14.49 20.29 0.76
SE MSE A 307 12.60 20.77 0.76
CE MSE A 307 12.03 19.46 2.09
N ARG A 308 15.08 24.61 -0.06
CA ARG A 308 15.45 25.94 0.43
C ARG A 308 15.64 25.87 1.93
N SER A 309 16.08 26.98 2.54
CA SER A 309 16.38 27.00 3.97
C SER A 309 15.18 26.70 4.89
N ASP A 310 13.98 26.97 4.42
CA ASP A 310 12.76 26.69 5.20
C ASP A 310 12.25 25.26 4.98
N ASP A 311 13.08 24.41 4.37
CA ASP A 311 12.76 23.01 4.10
C ASP A 311 11.51 22.86 3.23
N THR A 312 11.41 23.73 2.23
CA THR A 312 10.39 23.66 1.20
C THR A 312 11.06 23.90 -0.14
N ALA A 313 10.31 23.61 -1.19
CA ALA A 313 10.70 23.92 -2.55
C ALA A 313 9.46 24.01 -3.43
N ASP A 314 9.32 25.10 -4.22
CA ASP A 314 8.24 25.21 -5.22
C ASP A 314 8.40 24.10 -6.27
N LEU A 315 7.27 23.72 -6.85
CA LEU A 315 7.16 22.53 -7.69
C LEU A 315 6.95 22.92 -9.17
N VAL A 316 7.96 22.65 -10.00
CA VAL A 316 7.91 23.02 -11.44
C VAL A 316 6.97 22.09 -12.21
N LEU A 317 6.18 22.65 -13.14
CA LEU A 317 5.30 21.85 -13.99
C LEU A 317 5.45 22.08 -15.49
N MSE A 318 5.99 23.24 -15.88
CA MSE A 318 6.19 23.58 -17.30
C MSE A 318 7.18 24.72 -17.44
O MSE A 318 6.98 25.81 -16.86
CB MSE A 318 4.86 23.98 -17.95
CG MSE A 318 4.92 24.17 -19.46
SE MSE A 318 3.18 24.88 -20.01
CE MSE A 318 2.26 23.25 -20.32
N ARG A 319 8.22 24.47 -18.24
CA ARG A 319 9.28 25.43 -18.52
C ARG A 319 9.43 25.77 -20.01
N SER A 320 10.09 26.88 -20.27
CA SER A 320 10.30 27.34 -21.64
C SER A 320 11.24 26.39 -22.39
N ALA A 321 12.23 25.81 -21.69
CA ALA A 321 13.09 24.75 -22.26
C ALA A 321 12.30 23.59 -22.87
N GLU A 322 11.27 23.13 -22.17
CA GLU A 322 10.40 22.09 -22.72
C GLU A 322 9.75 22.59 -23.99
N MSE A 323 9.27 23.84 -23.98
CA MSE A 323 8.53 24.37 -25.16
C MSE A 323 9.47 24.42 -26.37
O MSE A 323 9.09 24.04 -27.46
CB MSE A 323 7.93 25.74 -24.90
CG MSE A 323 6.67 25.72 -24.01
SE MSE A 323 5.37 24.41 -24.55
CE MSE A 323 5.57 23.21 -23.00
N TYR A 324 10.72 24.83 -26.15
CA TYR A 324 11.71 24.80 -27.21
C TYR A 324 11.92 23.40 -27.80
N LEU A 325 11.96 22.39 -26.95
CA LEU A 325 12.20 20.99 -27.37
C LEU A 325 11.04 20.40 -28.12
N ILE A 326 9.83 20.74 -27.68
CA ILE A 326 8.65 20.31 -28.42
C ILE A 326 8.71 20.86 -29.86
N GLU A 327 9.03 22.14 -30.00
CA GLU A 327 9.09 22.79 -31.32
C GLU A 327 10.14 22.10 -32.19
N ALA A 328 11.33 21.84 -31.64
CA ALA A 328 12.36 21.15 -32.44
C ALA A 328 11.93 19.78 -32.96
N GLU A 329 11.32 18.96 -32.10
CA GLU A 329 10.89 17.63 -32.47
C GLU A 329 9.78 17.71 -33.50
N ALA A 330 8.75 18.47 -33.16
CA ALA A 330 7.61 18.66 -34.03
C ALA A 330 8.02 19.13 -35.44
N LYS A 331 8.92 20.11 -35.52
CA LYS A 331 9.36 20.66 -36.81
C LYS A 331 10.07 19.62 -37.66
N VAL A 332 10.96 18.83 -37.06
CA VAL A 332 11.66 17.77 -37.81
C VAL A 332 10.69 16.72 -38.30
N ARG A 333 9.78 16.28 -37.43
CA ARG A 333 8.78 15.27 -37.79
C ARG A 333 7.79 15.78 -38.84
N ASP A 334 7.58 17.10 -38.88
CA ASP A 334 6.67 17.71 -39.85
C ASP A 334 7.31 17.89 -41.24
N GLY A 335 8.62 17.63 -41.34
CA GLY A 335 9.31 17.72 -42.62
C GLY A 335 9.98 19.06 -42.86
N VAL A 336 10.02 19.92 -41.85
CA VAL A 336 10.68 21.22 -41.95
C VAL A 336 12.17 20.96 -42.17
N ALA A 337 12.79 21.71 -43.09
CA ALA A 337 14.19 21.49 -43.45
C ALA A 337 15.04 21.47 -42.19
N LEU A 338 15.93 20.48 -42.08
CA LEU A 338 16.61 20.20 -40.82
C LEU A 338 17.30 21.44 -40.24
N ASP A 339 17.85 22.28 -41.11
CA ASP A 339 18.53 23.49 -40.65
C ASP A 339 17.55 24.47 -40.00
N GLN A 340 16.31 24.52 -40.47
CA GLN A 340 15.29 25.34 -39.78
C GLN A 340 14.75 24.65 -38.50
N ALA A 341 14.58 23.34 -38.58
CA ALA A 341 14.00 22.55 -37.48
C ALA A 341 14.73 22.66 -36.15
N VAL A 342 16.07 22.79 -36.20
CA VAL A 342 16.87 22.79 -35.00
C VAL A 342 17.06 24.19 -34.41
N ALA A 343 16.54 25.22 -35.08
CA ALA A 343 16.67 26.59 -34.57
C ALA A 343 16.24 26.69 -33.09
N PRO A 344 15.04 26.14 -32.73
CA PRO A 344 14.67 26.11 -31.29
C PRO A 344 15.62 25.25 -30.45
N LEU A 345 16.04 24.09 -30.96
CA LEU A 345 17.06 23.29 -30.26
C LEU A 345 18.33 24.13 -29.99
N ASN A 346 18.81 24.81 -31.02
CA ASN A 346 20.02 25.64 -30.92
C ASN A 346 19.85 26.81 -29.95
N THR A 347 18.65 27.37 -29.85
CA THR A 347 18.37 28.41 -28.86
C THR A 347 18.57 27.84 -27.44
N LEU A 348 18.12 26.62 -27.21
CA LEU A 348 18.33 25.96 -25.92
C LEU A 348 19.81 25.67 -25.68
N ARG A 349 20.49 25.11 -26.68
CA ARG A 349 21.92 24.77 -26.52
C ARG A 349 22.83 26.00 -26.24
N THR A 350 22.59 27.09 -26.96
CA THR A 350 23.33 28.35 -26.74
C THR A 350 23.13 28.85 -25.34
N ALA A 351 21.87 28.91 -24.90
CA ALA A 351 21.57 29.26 -23.52
C ALA A 351 22.37 28.41 -22.51
N ARG A 352 22.49 27.11 -22.76
CA ARG A 352 23.22 26.17 -21.89
C ARG A 352 24.73 26.17 -22.09
N GLY A 353 25.24 26.99 -23.02
CA GLY A 353 26.70 27.15 -23.24
C GLY A 353 27.31 26.21 -24.25
N VAL A 354 26.46 25.60 -25.08
CA VAL A 354 26.88 24.65 -26.09
C VAL A 354 26.69 25.25 -27.50
N GLY A 355 27.67 25.03 -28.39
CA GLY A 355 27.58 25.46 -29.79
C GLY A 355 26.43 24.82 -30.56
N ASN A 356 26.15 25.34 -31.75
CA ASN A 356 25.04 24.84 -32.56
C ASN A 356 25.18 23.36 -32.91
N TYR A 357 24.03 22.70 -33.03
CA TYR A 357 23.97 21.33 -33.53
C TYR A 357 24.10 21.32 -35.06
N ASP A 358 25.16 20.66 -35.57
CA ASP A 358 25.41 20.54 -37.02
C ASP A 358 24.57 19.41 -37.62
N VAL A 359 23.64 19.78 -38.49
CA VAL A 359 22.74 18.79 -39.12
C VAL A 359 23.24 18.25 -40.48
N THR A 360 24.43 18.67 -40.91
CA THR A 360 25.04 18.15 -42.14
C THR A 360 25.24 16.65 -42.08
N GLY A 361 24.73 15.94 -43.08
CA GLY A 361 24.87 14.48 -43.16
C GLY A 361 23.79 13.72 -42.42
N LYS A 362 23.18 14.36 -41.43
CA LYS A 362 22.25 13.71 -40.51
C LYS A 362 20.89 13.45 -41.16
N THR A 363 20.29 12.30 -40.86
CA THR A 363 18.92 11.99 -41.26
C THR A 363 17.97 12.66 -40.27
N LYS A 364 16.68 12.66 -40.58
CA LYS A 364 15.68 13.16 -39.64
C LYS A 364 15.69 12.34 -38.35
N GLU A 365 15.78 11.02 -38.50
CA GLU A 365 15.84 10.08 -37.39
C GLU A 365 16.93 10.49 -36.41
N GLN A 366 18.13 10.72 -36.96
CA GLN A 366 19.31 11.12 -36.17
C GLN A 366 19.08 12.43 -35.40
N VAL A 367 18.47 13.42 -36.07
CA VAL A 367 18.21 14.70 -35.44
C VAL A 367 17.12 14.56 -34.35
N ILE A 368 16.04 13.81 -34.64
CA ILE A 368 15.03 13.46 -33.63
C ILE A 368 15.72 12.70 -32.46
N ASP A 369 16.57 11.72 -32.76
CA ASP A 369 17.28 11.00 -31.69
C ASP A 369 17.97 12.03 -30.78
N GLU A 370 18.59 13.06 -31.36
CA GLU A 370 19.37 14.04 -30.59
C GLU A 370 18.46 14.96 -29.78
N ILE A 371 17.32 15.34 -30.34
CA ILE A 371 16.35 16.12 -29.60
C ILE A 371 15.90 15.32 -28.34
N LEU A 372 15.64 14.02 -28.50
CA LEU A 372 15.15 13.17 -27.40
C LEU A 372 16.21 12.97 -26.32
N MSE A 373 17.47 12.92 -26.73
CA MSE A 373 18.55 12.90 -25.74
CA MSE A 373 18.55 12.90 -25.74
C MSE A 373 18.62 14.23 -25.00
O MSE A 373 18.98 14.26 -23.82
CB MSE A 373 19.90 12.58 -26.39
CB MSE A 373 19.89 12.58 -26.41
CG MSE A 373 20.88 11.94 -25.42
CG MSE A 373 19.83 11.37 -27.33
SE MSE A 373 20.12 10.32 -24.64
SE MSE A 373 21.51 10.39 -27.46
CE MSE A 373 19.23 9.70 -26.23
CE MSE A 373 21.43 9.54 -25.71
N GLU A 374 18.26 15.33 -25.67
CA GLU A 374 18.32 16.65 -25.03
C GLU A 374 17.21 16.76 -23.98
N ARG A 375 16.05 16.20 -24.31
CA ARG A 375 14.93 16.12 -23.39
C ARG A 375 15.34 15.39 -22.10
N ARG A 376 16.00 14.25 -22.26
CA ARG A 376 16.48 13.47 -21.11
C ARG A 376 17.53 14.23 -20.29
N ARG A 377 18.41 14.97 -20.96
CA ARG A 377 19.37 15.80 -20.23
C ARG A 377 18.72 16.95 -19.47
N GLU A 378 17.81 17.65 -20.16
CA GLU A 378 17.29 18.94 -19.72
C GLU A 378 16.15 18.81 -18.72
N LEU A 379 15.29 17.82 -18.93
CA LEU A 379 14.12 17.61 -18.10
C LEU A 379 14.35 16.49 -17.06
N TRP A 380 15.60 16.05 -16.86
CA TRP A 380 15.92 15.04 -15.84
C TRP A 380 15.26 15.36 -14.50
N GLY A 381 14.44 14.46 -14.00
CA GLY A 381 13.91 14.56 -12.62
C GLY A 381 12.62 15.37 -12.53
N GLU A 382 12.14 15.84 -13.67
CA GLU A 382 10.92 16.67 -13.74
C GLU A 382 9.66 15.86 -14.12
N GLY A 383 9.84 14.57 -14.34
CA GLY A 383 8.71 13.65 -14.44
C GLY A 383 8.27 13.25 -15.82
N PHE A 384 9.16 13.34 -16.80
CA PHE A 384 8.80 13.12 -18.22
C PHE A 384 9.27 11.75 -18.72
N GLY A 385 10.09 11.07 -17.92
CA GLY A 385 10.77 9.83 -18.32
C GLY A 385 9.92 8.80 -19.03
N ILE A 386 9.07 8.10 -18.28
CA ILE A 386 8.26 6.99 -18.82
C ILE A 386 7.20 7.47 -19.84
N THR A 387 6.69 8.71 -19.74
CA THR A 387 5.80 9.17 -20.83
C THR A 387 6.55 9.36 -22.17
N ASP A 388 7.79 9.84 -22.14
CA ASP A 388 8.61 9.92 -23.36
C ASP A 388 8.93 8.52 -23.94
N VAL A 389 9.21 7.56 -23.05
CA VAL A 389 9.45 6.14 -23.39
C VAL A 389 8.24 5.54 -24.11
N LEU A 390 7.08 5.80 -23.53
CA LEU A 390 5.81 5.34 -24.11
C LEU A 390 5.45 6.05 -25.42
N ARG A 391 5.54 7.37 -25.40
CA ARG A 391 5.17 8.23 -26.54
C ARG A 391 5.89 7.84 -27.84
N ASN A 392 7.18 7.57 -27.71
CA ASN A 392 8.03 7.23 -28.83
C ASN A 392 8.11 5.73 -29.09
N GLN A 393 7.36 4.94 -28.30
CA GLN A 393 7.36 3.47 -28.38
C GLN A 393 8.76 2.93 -28.30
N LYS A 394 9.52 3.40 -27.33
CA LYS A 394 10.86 2.87 -27.10
C LYS A 394 10.83 1.97 -25.87
N ALA A 395 11.95 1.33 -25.62
CA ALA A 395 12.15 0.56 -24.42
C ALA A 395 12.87 1.44 -23.42
N VAL A 396 12.81 1.03 -22.14
CA VAL A 396 13.70 1.57 -21.13
C VAL A 396 15.10 1.12 -21.54
N GLU A 397 16.08 1.95 -21.22
CA GLU A 397 17.47 1.71 -21.59
C GLU A 397 18.35 1.95 -20.38
N ARG A 398 18.94 0.86 -19.88
CA ARG A 398 19.89 0.94 -18.78
C ARG A 398 21.08 0.07 -19.12
N MSE A 399 22.27 0.61 -18.87
CA MSE A 399 23.51 -0.14 -19.02
C MSE A 399 24.38 0.13 -17.80
O MSE A 399 24.47 1.26 -17.35
CB MSE A 399 24.23 0.29 -20.28
CG MSE A 399 23.43 0.04 -21.53
SE MSE A 399 24.56 -0.39 -23.04
CE MSE A 399 24.89 1.44 -23.68
N ALA A 400 25.00 -0.93 -17.27
CA ALA A 400 25.93 -0.79 -16.16
C ALA A 400 27.20 -0.11 -16.64
N LEU A 401 27.90 0.57 -15.74
CA LEU A 401 29.21 1.09 -16.06
C LEU A 401 30.06 -0.09 -16.52
N SER A 402 31.12 0.18 -17.28
CA SER A 402 32.02 -0.89 -17.72
C SER A 402 32.79 -1.40 -16.52
N GLU A 403 33.33 -2.62 -16.63
CA GLU A 403 34.06 -3.21 -15.50
C GLU A 403 35.38 -2.47 -15.27
N ASP A 404 35.98 -1.98 -16.36
CA ASP A 404 37.14 -1.09 -16.25
C ASP A 404 36.79 0.17 -15.49
N MSE A 405 35.59 0.72 -15.78
CA MSE A 405 35.10 1.89 -15.06
C MSE A 405 34.77 1.55 -13.59
O MSE A 405 35.10 2.33 -12.69
CB MSE A 405 33.87 2.47 -15.77
CG MSE A 405 33.31 3.74 -15.14
SE MSE A 405 34.64 5.14 -14.94
CE MSE A 405 33.57 6.45 -13.95
N GLN A 406 34.16 0.39 -13.36
CA GLN A 406 33.87 -0.07 -11.99
C GLN A 406 35.14 -0.28 -11.15
N LYS A 407 36.22 -0.74 -11.81
CA LYS A 407 37.52 -0.91 -11.13
C LYS A 407 38.22 0.41 -10.78
N THR A 408 37.78 1.50 -11.43
CA THR A 408 38.29 2.85 -11.15
C THR A 408 37.92 3.31 -9.74
N GLU A 409 38.60 4.35 -9.25
CA GLU A 409 38.25 5.02 -8.00
C GLU A 409 37.97 6.50 -8.25
N VAL A 410 36.89 7.01 -7.66
CA VAL A 410 36.48 8.42 -7.83
C VAL A 410 36.41 9.15 -6.48
N ASP A 411 36.82 10.42 -6.47
CA ASP A 411 36.74 11.26 -5.28
C ASP A 411 35.28 11.64 -5.04
N CYS A 412 34.75 11.27 -3.87
CA CYS A 412 33.32 11.33 -3.62
C CYS A 412 32.98 12.26 -2.46
N TRP A 413 32.10 13.24 -2.72
CA TRP A 413 31.63 14.14 -1.67
C TRP A 413 30.82 13.38 -0.61
N GLN A 414 30.96 13.79 0.65
CA GLN A 414 30.23 13.19 1.75
C GLN A 414 29.49 14.28 2.51
N GLU A 415 28.47 13.88 3.28
CA GLU A 415 27.59 14.80 4.01
C GLU A 415 28.25 15.87 4.90
N GLY A 416 29.55 15.78 5.15
CA GLY A 416 30.27 16.85 5.86
C GLY A 416 30.90 17.94 5.00
N GLY A 417 30.97 17.70 3.69
CA GLY A 417 31.84 18.48 2.81
C GLY A 417 33.18 17.76 2.63
N SER A 418 33.41 16.71 3.42
CA SER A 418 34.62 15.92 3.31
C SER A 418 34.55 15.03 2.06
N PHE A 419 35.70 14.54 1.63
CA PHE A 419 35.79 13.71 0.45
C PHE A 419 36.50 12.41 0.80
N ALA A 420 36.06 11.31 0.17
CA ALA A 420 36.70 10.02 0.30
C ALA A 420 36.55 9.26 -1.00
N LYS A 421 37.52 8.38 -1.29
CA LYS A 421 37.55 7.62 -2.53
C LYS A 421 36.55 6.48 -2.50
N ARG A 422 35.91 6.23 -3.63
CA ARG A 422 34.96 5.11 -3.78
C ARG A 422 35.13 4.56 -5.18
N ASN A 423 34.47 3.43 -5.46
CA ASN A 423 34.42 2.88 -6.82
C ASN A 423 33.08 3.34 -7.43
N PRO A 424 33.10 3.79 -8.70
CA PRO A 424 31.90 4.43 -9.23
C PRO A 424 30.73 3.48 -9.42
N LEU A 425 29.51 3.97 -9.16
CA LEU A 425 28.30 3.16 -9.22
C LEU A 425 27.35 3.75 -10.27
N GLY A 426 26.81 2.87 -11.12
CA GLY A 426 25.82 3.26 -12.12
C GLY A 426 24.60 2.36 -12.03
N HIS A 427 23.94 2.15 -13.16
CA HIS A 427 22.77 1.27 -13.23
C HIS A 427 23.09 -0.15 -12.75
N TRP A 428 22.16 -0.70 -11.97
CA TRP A 428 22.27 -2.07 -11.48
C TRP A 428 21.08 -2.98 -11.80
N PHE A 429 19.92 -2.42 -12.15
CA PHE A 429 18.73 -3.22 -12.45
C PHE A 429 18.48 -3.20 -13.97
N LEU A 430 19.07 -4.17 -14.66
CA LEU A 430 19.34 -4.08 -16.09
C LEU A 430 18.38 -4.86 -16.98
N ASN A 431 17.38 -5.50 -16.38
CA ASN A 431 16.31 -6.18 -17.13
C ASN A 431 15.03 -6.20 -16.30
N PHE A 432 13.94 -6.68 -16.90
CA PHE A 432 12.66 -6.79 -16.21
C PHE A 432 12.70 -7.91 -15.15
N PRO A 433 11.81 -7.84 -14.13
CA PRO A 433 11.72 -8.86 -13.10
C PRO A 433 11.45 -10.27 -13.62
N ASP A 434 10.75 -10.38 -14.75
CA ASP A 434 10.46 -11.69 -15.37
C ASP A 434 11.68 -12.29 -16.09
N GLY A 435 12.83 -11.62 -16.00
CA GLY A 435 14.06 -12.10 -16.66
C GLY A 435 14.20 -11.67 -18.10
N LYS A 436 13.14 -11.09 -18.68
CA LYS A 436 13.16 -10.70 -20.10
C LYS A 436 13.86 -9.35 -20.26
N ALA A 437 14.50 -9.15 -21.41
CA ALA A 437 15.20 -7.89 -21.69
C ALA A 437 14.18 -6.77 -21.85
N PHE A 438 14.61 -5.54 -21.54
CA PHE A 438 13.74 -4.37 -21.72
C PHE A 438 13.21 -4.30 -23.13
N SER A 439 11.94 -3.95 -23.29
CA SER A 439 11.34 -3.88 -24.62
C SER A 439 10.27 -2.80 -24.70
N ALA A 440 9.88 -2.47 -25.93
CA ALA A 440 8.98 -1.36 -26.21
C ALA A 440 7.55 -1.77 -25.88
N ASN A 441 6.73 -0.81 -25.44
CA ASN A 441 5.30 -1.08 -25.18
C ASN A 441 5.06 -2.26 -24.24
N SER A 442 5.91 -2.39 -23.21
CA SER A 442 5.72 -3.40 -22.19
C SER A 442 4.69 -2.94 -21.16
N SER A 443 3.88 -3.88 -20.66
CA SER A 443 2.88 -3.58 -19.62
CA SER A 443 2.88 -3.55 -19.62
C SER A 443 3.50 -3.16 -18.28
N TYR A 444 4.82 -3.35 -18.14
CA TYR A 444 5.54 -2.85 -16.97
C TYR A 444 5.58 -1.32 -16.97
N TYR A 445 5.41 -0.68 -18.12
CA TYR A 445 5.46 0.76 -18.27
C TYR A 445 4.15 1.48 -17.92
N LEU A 446 3.05 0.75 -17.97
CA LEU A 446 1.73 1.33 -17.67
C LEU A 446 1.32 1.16 -16.20
N TYR A 447 0.79 2.23 -15.61
CA TYR A 447 0.08 2.15 -14.34
C TYR A 447 -1.11 1.20 -14.55
N ALA A 448 -1.46 0.42 -13.53
CA ALA A 448 -2.62 -0.48 -13.58
C ALA A 448 -3.87 0.23 -13.05
N ILE A 449 -5.03 -0.06 -13.60
CA ILE A 449 -6.26 0.39 -12.96
C ILE A 449 -6.34 -0.40 -11.64
N PRO A 450 -6.55 0.29 -10.50
CA PRO A 450 -6.42 -0.41 -9.23
C PRO A 450 -7.56 -1.42 -8.94
N GLU A 451 -7.24 -2.43 -8.12
CA GLU A 451 -8.20 -3.47 -7.71
C GLU A 451 -9.51 -2.85 -7.19
N LYS A 452 -9.39 -1.83 -6.35
CA LYS A 452 -10.55 -1.26 -5.68
C LYS A 452 -11.55 -0.73 -6.68
N GLU A 453 -11.06 -0.08 -7.74
CA GLU A 453 -11.90 0.37 -8.85
C GLU A 453 -12.51 -0.82 -9.58
N ILE A 454 -11.66 -1.75 -10.00
CA ILE A 454 -12.12 -2.95 -10.72
C ILE A 454 -13.24 -3.68 -9.97
N ASN A 455 -13.05 -3.91 -8.68
CA ASN A 455 -14.05 -4.62 -7.86
C ASN A 455 -15.38 -3.88 -7.76
N ALA A 456 -15.32 -2.55 -7.68
CA ALA A 456 -16.50 -1.70 -7.53
C ALA A 456 -17.21 -1.34 -8.85
N ASN A 457 -16.48 -1.39 -9.97
CA ASN A 457 -17.00 -0.95 -11.26
C ASN A 457 -17.27 -2.14 -12.20
N PRO A 458 -18.54 -2.56 -12.30
CA PRO A 458 -18.86 -3.75 -13.13
C PRO A 458 -18.66 -3.57 -14.65
N ASN A 459 -18.18 -2.41 -15.09
CA ASN A 459 -17.93 -2.15 -16.52
C ASN A 459 -16.47 -2.34 -16.97
N LEU A 460 -15.58 -2.72 -16.06
CA LEU A 460 -14.16 -2.86 -16.38
C LEU A 460 -13.73 -4.33 -16.45
N GLN B 6 24.44 -38.65 18.92
CA GLN B 6 23.79 -38.93 17.60
C GLN B 6 22.28 -38.63 17.61
N VAL B 7 21.56 -39.12 18.61
CA VAL B 7 20.10 -38.90 18.72
C VAL B 7 19.72 -37.96 19.87
N ALA B 8 20.67 -37.63 20.74
CA ALA B 8 20.47 -36.64 21.79
C ALA B 8 20.29 -35.23 21.19
N VAL B 9 20.97 -34.98 20.09
CA VAL B 9 20.90 -33.73 19.35
C VAL B 9 19.47 -33.42 18.90
N ALA B 10 18.82 -34.44 18.33
CA ALA B 10 17.42 -34.35 17.92
C ALA B 10 16.50 -34.24 19.15
N GLY B 11 16.94 -34.84 20.26
CA GLY B 11 16.21 -34.73 21.53
C GLY B 11 16.30 -33.36 22.18
N ASN B 12 17.43 -32.69 22.00
CA ASN B 12 17.62 -31.32 22.46
C ASN B 12 16.76 -30.34 21.61
N ALA B 13 16.72 -30.58 20.31
CA ALA B 13 15.91 -29.77 19.39
C ALA B 13 14.41 -29.92 19.68
N GLU B 14 13.98 -31.16 19.94
CA GLU B 14 12.62 -31.46 20.38
C GLU B 14 12.25 -30.70 21.66
N ARG B 15 13.18 -30.63 22.61
CA ARG B 15 12.96 -29.95 23.89
C ARG B 15 12.80 -28.45 23.71
N LEU B 16 13.68 -27.87 22.91
CA LEU B 16 13.68 -26.43 22.67
C LEU B 16 12.38 -26.00 22.00
N PHE B 17 11.92 -26.75 21.00
CA PHE B 17 10.63 -26.45 20.35
C PHE B 17 9.44 -26.60 21.31
N ASN B 18 9.43 -27.70 22.06
CA ASN B 18 8.38 -27.93 23.06
C ASN B 18 8.36 -26.81 24.07
N GLY B 19 9.55 -26.39 24.48
CA GLY B 19 9.70 -25.23 25.36
C GLY B 19 9.18 -23.95 24.75
N ALA B 20 9.55 -23.70 23.49
CA ALA B 20 9.09 -22.49 22.77
C ALA B 20 7.56 -22.46 22.73
N TRP B 21 6.98 -23.61 22.37
CA TRP B 21 5.54 -23.77 22.28
C TRP B 21 4.88 -23.51 23.64
N TYR B 22 5.44 -24.13 24.68
CA TYR B 22 4.96 -23.97 26.05
C TYR B 22 4.92 -22.52 26.50
N ASN B 23 6.06 -21.81 26.37
CA ASN B 23 6.16 -20.37 26.67
C ASN B 23 5.04 -19.57 26.00
N LEU B 24 4.88 -19.79 24.69
CA LEU B 24 3.90 -19.07 23.86
C LEU B 24 2.47 -19.12 24.39
N PHE B 25 2.07 -20.24 24.99
CA PHE B 25 0.69 -20.41 25.46
C PHE B 25 0.52 -20.32 26.96
N GLU B 26 1.55 -20.68 27.71
CA GLU B 26 1.42 -20.81 29.16
C GLU B 26 2.04 -19.65 29.95
N TYR B 27 2.91 -18.85 29.34
CA TYR B 27 3.54 -17.73 30.05
C TYR B 27 2.58 -16.57 30.28
N GLY B 28 2.46 -16.13 31.53
CA GLY B 28 1.61 -14.99 31.85
C GLY B 28 2.19 -14.06 32.91
N THR B 29 2.14 -12.77 32.62
CA THR B 29 2.57 -11.74 33.57
C THR B 29 1.44 -11.36 34.55
N THR B 30 0.20 -11.59 34.13
CA THR B 30 -0.99 -11.40 34.96
CA THR B 30 -1.00 -11.38 34.93
C THR B 30 -2.11 -12.32 34.44
N TYR B 31 -3.19 -12.43 35.21
CA TYR B 31 -4.35 -13.28 34.82
C TYR B 31 -5.15 -12.78 33.60
N ALA B 32 -4.91 -11.54 33.20
CA ALA B 32 -5.46 -10.97 31.97
C ALA B 32 -4.47 -11.12 30.80
N ASN B 33 -3.26 -11.60 31.09
CA ASN B 33 -2.18 -11.75 30.11
C ASN B 33 -1.49 -13.10 30.19
N ILE B 34 -2.25 -14.18 29.99
CA ILE B 34 -1.69 -15.53 29.95
C ILE B 34 -1.63 -16.02 28.52
N GLY B 35 -0.41 -16.07 27.99
CA GLY B 35 -0.15 -16.64 26.68
C GLY B 35 -0.80 -15.98 25.47
N TYR B 36 -0.68 -16.67 24.33
CA TYR B 36 -1.16 -16.21 23.05
C TYR B 36 -2.70 -16.15 22.93
N ARG B 37 -3.40 -16.99 23.67
CA ARG B 37 -4.88 -16.93 23.73
C ARG B 37 -5.35 -15.60 24.28
N ALA B 38 -4.57 -15.01 25.18
CA ALA B 38 -4.82 -13.67 25.70
C ALA B 38 -4.73 -12.59 24.60
N LEU B 39 -3.83 -12.77 23.66
CA LEU B 39 -3.71 -11.84 22.51
C LEU B 39 -4.83 -12.03 21.50
N GLN B 40 -5.33 -13.25 21.35
CA GLN B 40 -6.48 -13.50 20.45
C GLN B 40 -7.74 -12.85 21.01
N CYS B 41 -7.88 -12.93 22.33
CA CYS B 41 -8.96 -12.24 23.06
C CYS B 41 -8.91 -10.72 22.84
N GLN B 42 -7.75 -10.15 23.11
CA GLN B 42 -7.48 -8.74 22.87
C GLN B 42 -7.91 -8.32 21.44
N ASP B 43 -7.50 -9.11 20.44
CA ASP B 43 -7.70 -8.78 19.02
C ASP B 43 -9.16 -8.80 18.58
N ASP B 44 -9.97 -9.66 19.18
CA ASP B 44 -11.41 -9.65 18.87
C ASP B 44 -12.17 -8.63 19.70
N MSE B 45 -11.73 -8.40 20.94
CA MSE B 45 -12.38 -7.43 21.82
C MSE B 45 -12.15 -5.97 21.37
O MSE B 45 -13.04 -5.12 21.54
CB MSE B 45 -11.95 -7.61 23.27
CG MSE B 45 -12.72 -6.75 24.25
SE MSE B 45 -14.66 -7.06 24.24
CE MSE B 45 -14.81 -8.14 25.82
N MSE B 46 -10.99 -5.69 20.79
CA MSE B 46 -10.65 -4.34 20.28
C MSE B 46 -11.21 -4.05 18.89
O MSE B 46 -10.95 -2.96 18.34
CB MSE B 46 -9.11 -4.10 20.31
CG MSE B 46 -8.36 -4.57 19.12
SE MSE B 46 -6.43 -4.72 19.47
CE MSE B 46 -6.10 -2.84 19.78
N ALA B 47 -11.99 -4.96 18.33
CA ALA B 47 -12.52 -4.83 16.99
C ALA B 47 -14.04 -4.55 17.06
N SER B 48 -14.82 -5.29 16.28
CA SER B 48 -16.20 -4.89 15.96
C SER B 48 -17.34 -5.75 16.50
N ASP B 49 -17.09 -7.02 16.79
CA ASP B 49 -18.21 -7.95 16.95
C ASP B 49 -18.46 -8.48 18.38
N VAL B 50 -17.58 -8.11 19.32
CA VAL B 50 -17.71 -8.49 20.73
C VAL B 50 -18.16 -7.28 21.56
N VAL B 51 -19.32 -7.40 22.21
CA VAL B 51 -19.72 -6.43 23.23
C VAL B 51 -19.05 -6.77 24.55
N SER B 52 -18.46 -5.78 25.22
CA SER B 52 -17.80 -6.04 26.50
C SER B 52 -18.84 -6.02 27.63
N ARG B 53 -19.00 -7.16 28.28
CA ARG B 53 -19.70 -7.23 29.54
C ARG B 53 -18.62 -6.89 30.58
N PRO B 54 -18.65 -5.65 31.14
CA PRO B 54 -17.50 -5.14 31.89
C PRO B 54 -17.04 -5.98 33.09
N LYS B 55 -15.80 -6.46 33.00
CA LYS B 55 -15.24 -7.36 33.97
C LYS B 55 -13.71 -7.17 33.87
N TYR B 56 -12.96 -7.70 34.83
CA TYR B 56 -11.50 -7.83 34.67
C TYR B 56 -11.17 -8.50 33.35
N GLY B 57 -10.03 -8.13 32.76
CA GLY B 57 -9.51 -8.80 31.57
C GLY B 57 -9.40 -7.99 30.29
N PHE B 58 -10.53 -7.78 29.61
CA PHE B 58 -10.55 -7.15 28.29
C PHE B 58 -11.54 -5.99 28.15
N ASN B 59 -12.00 -5.44 29.27
CA ASN B 59 -12.80 -4.21 29.19
C ASN B 59 -11.93 -3.05 28.66
N SER B 60 -10.69 -2.98 29.14
CA SER B 60 -9.70 -2.06 28.56
C SER B 60 -9.52 -2.24 27.05
N SER B 61 -9.61 -3.48 26.54
CA SER B 61 -9.44 -3.76 25.10
C SER B 61 -10.56 -3.16 24.28
N TYR B 62 -11.76 -3.22 24.82
CA TYR B 62 -12.95 -2.74 24.13
C TYR B 62 -12.93 -1.21 23.99
N GLN B 63 -12.35 -0.55 25.00
CA GLN B 63 -12.29 0.92 25.08
C GLN B 63 -10.92 1.48 24.63
N PHE B 64 -10.24 0.78 23.73
CA PHE B 64 -8.93 1.20 23.19
C PHE B 64 -8.07 1.91 24.23
N ASN B 65 -7.78 1.18 25.31
CA ASN B 65 -7.03 1.68 26.43
C ASN B 65 -6.05 0.63 26.96
N ASP B 66 -5.23 0.10 26.07
CA ASP B 66 -4.20 -0.82 26.49
C ASP B 66 -3.01 -0.89 25.52
N VAL B 67 -3.16 -1.64 24.44
CA VAL B 67 -2.02 -2.04 23.62
C VAL B 67 -1.36 -0.90 22.79
N ALA B 68 -2.14 0.13 22.41
CA ALA B 68 -1.60 1.32 21.71
C ALA B 68 -0.88 2.30 22.67
N ILE B 69 -0.82 1.96 23.96
CA ILE B 69 -0.12 2.76 24.96
C ILE B 69 1.26 2.14 25.24
N PRO B 70 2.35 2.85 24.86
CA PRO B 70 3.68 2.22 24.95
C PRO B 70 4.08 1.70 26.35
N SER B 71 3.63 2.34 27.42
CA SER B 71 4.05 1.94 28.78
C SER B 71 3.15 0.92 29.50
N ASP B 72 2.09 0.46 28.83
CA ASP B 72 1.10 -0.47 29.42
C ASP B 72 1.71 -1.88 29.61
N GLY B 73 1.24 -2.60 30.63
CA GLY B 73 1.71 -3.98 30.90
C GLY B 73 1.41 -4.96 29.78
N ARG B 74 0.23 -4.84 29.20
CA ARG B 74 -0.14 -5.72 28.09
C ARG B 74 0.73 -5.45 26.84
N THR B 75 1.13 -4.19 26.65
CA THR B 75 1.98 -3.83 25.51
C THR B 75 3.32 -4.53 25.67
N SER B 76 3.84 -4.49 26.88
CA SER B 76 5.10 -5.17 27.23
C SER B 76 4.99 -6.70 27.06
N PHE B 77 4.01 -7.28 27.74
CA PHE B 77 3.76 -8.74 27.69
C PHE B 77 3.79 -9.29 26.26
N ALA B 78 2.92 -8.74 25.42
CA ALA B 78 2.75 -9.15 24.04
C ALA B 78 4.07 -9.13 23.26
N TRP B 79 4.76 -8.01 23.33
CA TRP B 79 6.05 -7.86 22.68
C TRP B 79 6.99 -8.96 23.14
N TYR B 80 7.21 -9.05 24.45
CA TYR B 80 8.17 -10.01 24.99
C TYR B 80 7.73 -11.47 24.92
N LEU B 81 6.42 -11.73 24.91
CA LEU B 81 5.92 -13.10 24.68
C LEU B 81 6.41 -13.64 23.35
N ILE B 82 6.19 -12.85 22.29
CA ILE B 82 6.48 -13.29 20.94
C ILE B 82 7.99 -13.40 20.72
N TYR B 83 8.75 -12.42 21.19
CA TYR B 83 10.20 -12.42 20.99
C TYR B 83 10.94 -13.51 21.78
N LYS B 84 10.48 -13.85 22.98
CA LYS B 84 11.00 -15.01 23.72
C LYS B 84 10.76 -16.30 22.93
N THR B 85 9.56 -16.44 22.35
CA THR B 85 9.25 -17.60 21.51
C THR B 85 10.18 -17.66 20.31
N ILE B 86 10.36 -16.54 19.62
CA ILE B 86 11.27 -16.48 18.48
C ILE B 86 12.67 -16.95 18.89
N ASP B 87 13.14 -16.47 20.03
CA ASP B 87 14.48 -16.84 20.51
C ASP B 87 14.62 -18.33 20.80
N ASN B 88 13.57 -18.92 21.38
CA ASN B 88 13.55 -20.38 21.61
C ASN B 88 13.61 -21.08 20.25
N CYS B 89 12.85 -20.59 19.26
CA CYS B 89 12.89 -21.18 17.92
C CYS B 89 14.30 -21.07 17.34
N ASN B 90 14.92 -19.90 17.53
CA ASN B 90 16.26 -19.59 17.01
C ASN B 90 17.32 -20.51 17.58
N THR B 91 17.19 -20.84 18.87
CA THR B 91 18.10 -21.78 19.55
C THR B 91 18.02 -23.19 18.97
N ALA B 92 16.79 -23.66 18.76
CA ALA B 92 16.54 -24.98 18.19
C ALA B 92 17.08 -25.05 16.76
N ILE B 93 16.80 -24.01 15.98
CA ILE B 93 17.28 -23.91 14.60
C ILE B 93 18.81 -23.86 14.52
N SER B 94 19.48 -23.36 15.56
CA SER B 94 20.96 -23.22 15.57
C SER B 94 21.74 -24.50 15.84
N ILE B 95 21.04 -25.61 16.02
CA ILE B 95 21.69 -26.89 16.33
C ILE B 95 22.18 -27.56 15.04
N LYS B 96 23.41 -28.06 15.09
CA LYS B 96 24.06 -28.69 13.94
C LYS B 96 24.05 -30.21 14.13
N GLY B 97 23.65 -30.94 13.10
CA GLY B 97 23.56 -32.41 13.17
C GLY B 97 22.96 -33.00 11.90
N ASP B 98 22.49 -34.23 11.97
CA ASP B 98 21.86 -34.89 10.81
C ASP B 98 20.93 -36.04 11.22
N SER B 99 19.63 -35.74 11.26
CA SER B 99 18.62 -36.78 11.37
C SER B 99 17.27 -36.22 10.96
N GLU B 100 16.39 -37.11 10.53
CA GLU B 100 15.04 -36.71 10.13
C GLU B 100 14.28 -36.12 11.33
N GLU B 101 14.60 -36.60 12.53
CA GLU B 101 13.96 -36.09 13.75
C GLU B 101 14.44 -34.67 14.08
N LEU B 102 15.75 -34.43 13.99
CA LEU B 102 16.30 -33.09 14.21
C LEU B 102 15.71 -32.13 13.19
N ARG B 103 15.77 -32.54 11.93
CA ARG B 103 15.23 -31.80 10.80
C ARG B 103 13.74 -31.45 11.00
N GLN B 104 12.92 -32.45 11.40
CA GLN B 104 11.49 -32.20 11.64
C GLN B 104 11.26 -31.21 12.79
N ALA B 105 12.05 -31.32 13.86
CA ALA B 105 11.95 -30.38 14.98
C ALA B 105 12.34 -28.96 14.56
N GLN B 106 13.40 -28.85 13.76
CA GLN B 106 13.84 -27.56 13.20
C GLN B 106 12.83 -26.99 12.21
N GLY B 107 12.23 -27.86 11.40
CA GLY B 107 11.14 -27.46 10.51
C GLY B 107 9.91 -26.94 11.26
N GLN B 108 9.66 -27.51 12.45
CA GLN B 108 8.55 -27.10 13.29
C GLN B 108 8.89 -25.74 13.89
N ALA B 109 10.13 -25.57 14.33
CA ALA B 109 10.62 -24.31 14.88
C ALA B 109 10.61 -23.19 13.84
N LEU B 110 10.86 -23.53 12.57
CA LEU B 110 10.85 -22.53 11.51
C LEU B 110 9.44 -22.06 11.28
N ALA B 111 8.52 -23.02 11.17
CA ALA B 111 7.10 -22.68 10.96
C ALA B 111 6.57 -21.85 12.13
N LEU B 112 6.99 -22.15 13.37
CA LEU B 112 6.60 -21.33 14.50
C LEU B 112 7.24 -19.93 14.49
N ARG B 113 8.50 -19.85 14.08
CA ARG B 113 9.12 -18.52 13.90
C ARG B 113 8.38 -17.70 12.83
N ALA B 114 7.92 -18.35 11.76
CA ALA B 114 7.14 -17.68 10.69
C ALA B 114 5.79 -17.22 11.25
N PHE B 115 5.21 -18.04 12.10
CA PHE B 115 3.96 -17.68 12.78
C PHE B 115 4.21 -16.46 13.68
N CYS B 116 5.33 -16.45 14.38
CA CYS B 116 5.70 -15.32 15.25
C CYS B 116 5.87 -13.99 14.46
N TYR B 117 6.60 -14.03 13.36
CA TYR B 117 6.81 -12.83 12.53
C TYR B 117 5.52 -12.41 11.81
N LEU B 118 4.68 -13.39 11.44
CA LEU B 118 3.36 -13.11 10.87
C LEU B 118 2.53 -12.30 11.86
N HIS B 119 2.59 -12.65 13.15
CA HIS B 119 1.92 -11.88 14.18
C HIS B 119 2.49 -10.45 14.34
N LEU B 120 3.82 -10.34 14.39
CA LEU B 120 4.45 -9.02 14.59
C LEU B 120 4.17 -8.06 13.43
N VAL B 121 4.38 -8.53 12.20
CA VAL B 121 4.24 -7.67 11.00
C VAL B 121 2.83 -7.05 10.98
N GLN B 122 1.82 -7.86 11.26
CA GLN B 122 0.41 -7.43 11.25
C GLN B 122 0.02 -6.48 12.39
N HIS B 123 0.69 -6.58 13.53
CA HIS B 123 0.27 -5.85 14.73
C HIS B 123 0.96 -4.49 14.96
N TYR B 124 2.19 -4.32 14.46
CA TYR B 124 3.00 -3.14 14.79
C TYR B 124 3.14 -2.11 13.65
N GLN B 125 2.56 -2.39 12.50
CA GLN B 125 2.54 -1.45 11.39
C GLN B 125 1.36 -1.74 10.51
N PHE B 126 0.91 -0.74 9.76
CA PHE B 126 -0.23 -0.93 8.87
C PHE B 126 0.11 -1.91 7.76
N THR B 127 -0.91 -2.35 7.05
CA THR B 127 -0.80 -3.57 6.27
C THR B 127 0.16 -3.41 5.07
N TYR B 128 0.62 -4.54 4.55
CA TYR B 128 1.60 -4.58 3.48
C TYR B 128 1.11 -3.82 2.24
N LEU B 129 -0.14 -4.03 1.86
CA LEU B 129 -0.66 -3.40 0.66
C LEU B 129 -0.88 -1.89 0.85
N LYS B 130 -0.83 -1.39 2.08
CA LYS B 130 -0.86 0.05 2.33
C LYS B 130 0.50 0.63 1.95
N ASP B 131 1.57 0.07 2.53
CA ASP B 131 2.91 0.62 2.35
C ASP B 131 3.93 -0.49 2.65
N LYS B 132 4.47 -1.10 1.61
CA LYS B 132 5.25 -2.32 1.75
C LYS B 132 6.68 -2.13 2.28
N ASP B 133 7.20 -0.90 2.21
CA ASP B 133 8.57 -0.62 2.69
C ASP B 133 8.60 0.24 3.94
N ALA B 134 7.44 0.40 4.59
CA ALA B 134 7.39 1.08 5.87
C ALA B 134 8.18 0.29 6.92
N PRO B 135 8.79 1.01 7.88
CA PRO B 135 9.43 0.31 8.99
C PRO B 135 8.45 -0.49 9.87
N CYS B 136 8.95 -1.55 10.50
CA CYS B 136 8.10 -2.46 11.27
C CYS B 136 8.70 -2.93 12.61
N VAL B 137 9.49 -4.01 12.59
CA VAL B 137 10.11 -4.53 13.81
C VAL B 137 11.49 -5.12 13.48
N PRO B 138 12.36 -5.25 14.49
CA PRO B 138 13.63 -5.99 14.34
C PRO B 138 13.45 -7.47 14.04
N ILE B 139 14.33 -8.03 13.22
CA ILE B 139 14.29 -9.45 12.83
C ILE B 139 15.52 -10.15 13.40
N TYR B 140 15.33 -10.99 14.42
CA TYR B 140 16.40 -11.84 14.98
C TYR B 140 16.23 -13.27 14.47
N THR B 141 17.34 -13.90 14.10
CA THR B 141 17.34 -15.28 13.64
C THR B 141 18.43 -16.13 14.29
N GLU B 142 19.44 -15.49 14.88
CA GLU B 142 20.42 -16.20 15.71
C GLU B 142 19.93 -16.18 17.16
N PRO B 143 20.40 -17.15 17.97
CA PRO B 143 20.02 -17.13 19.38
C PRO B 143 20.73 -15.98 20.12
N THR B 144 20.06 -15.42 21.13
CA THR B 144 20.60 -14.29 21.88
C THR B 144 21.65 -14.74 22.89
N THR B 145 22.67 -13.91 23.12
CA THR B 145 23.67 -14.13 24.16
C THR B 145 23.94 -12.78 24.80
N SER B 146 24.81 -12.73 25.81
CA SER B 146 25.15 -11.46 26.47
CA SER B 146 25.18 -11.48 26.47
C SER B 146 25.89 -10.52 25.53
N GLY B 147 26.36 -11.03 24.40
CA GLY B 147 27.05 -10.21 23.41
C GLY B 147 26.17 -9.64 22.32
N THR B 148 24.95 -10.16 22.19
CA THR B 148 24.03 -9.78 21.11
C THR B 148 23.62 -8.31 21.21
N LYS B 149 23.72 -7.60 20.08
CA LYS B 149 23.36 -6.19 20.04
C LYS B 149 21.93 -6.07 19.56
N PRO B 150 21.18 -5.09 20.08
CA PRO B 150 19.84 -4.95 19.55
C PRO B 150 19.87 -4.38 18.13
N LYS B 151 18.89 -4.76 17.34
CA LYS B 151 18.82 -4.33 15.94
CA LYS B 151 18.80 -4.34 15.94
C LYS B 151 17.73 -3.26 15.75
N GLY B 152 17.87 -2.50 14.67
CA GLY B 152 16.86 -1.53 14.24
C GLY B 152 15.75 -2.22 13.47
N LYS B 153 14.76 -1.43 13.03
CA LYS B 153 13.55 -1.99 12.42
C LYS B 153 13.84 -2.49 11.02
N SER B 154 13.29 -3.65 10.70
CA SER B 154 13.21 -4.10 9.34
C SER B 154 11.87 -3.61 8.82
N THR B 155 11.81 -3.45 7.50
CA THR B 155 10.59 -3.01 6.83
C THR B 155 9.57 -4.14 6.81
N VAL B 156 8.31 -3.76 6.63
CA VAL B 156 7.23 -4.71 6.47
C VAL B 156 7.56 -5.79 5.45
N ALA B 157 7.93 -5.37 4.23
CA ALA B 157 8.24 -6.29 3.13
C ALA B 157 9.37 -7.24 3.50
N GLN B 158 10.33 -6.72 4.26
CA GLN B 158 11.46 -7.53 4.76
C GLN B 158 11.04 -8.62 5.77
N VAL B 159 10.13 -8.29 6.69
CA VAL B 159 9.55 -9.28 7.60
C VAL B 159 8.80 -10.36 6.80
N TYR B 160 8.11 -9.99 5.73
CA TYR B 160 7.45 -11.00 4.90
C TYR B 160 8.46 -11.89 4.19
N GLN B 161 9.63 -11.36 3.89
CA GLN B 161 10.68 -12.17 3.26
C GLN B 161 11.27 -13.18 4.24
N GLN B 162 11.34 -12.81 5.50
CA GLN B 162 11.68 -13.75 6.56
C GLN B 162 10.59 -14.84 6.70
N ILE B 163 9.32 -14.42 6.62
CA ILE B 163 8.18 -15.34 6.80
C ILE B 163 8.18 -16.42 5.72
N PHE B 164 8.40 -16.02 4.47
CA PHE B 164 8.43 -16.95 3.35
C PHE B 164 9.70 -17.82 3.30
N ASP B 165 10.84 -17.26 3.69
CA ASP B 165 12.08 -18.04 3.74
C ASP B 165 11.89 -19.17 4.74
N ASP B 166 11.47 -18.80 5.96
CA ASP B 166 11.17 -19.76 7.04
C ASP B 166 10.16 -20.85 6.62
N LEU B 167 9.10 -20.43 5.94
CA LEU B 167 8.07 -21.36 5.49
C LEU B 167 8.54 -22.30 4.39
N ASN B 168 9.38 -21.81 3.47
CA ASN B 168 9.90 -22.66 2.38
C ASN B 168 10.86 -23.72 2.90
N LEU B 169 11.69 -23.33 3.86
CA LEU B 169 12.61 -24.27 4.49
C LEU B 169 11.83 -25.27 5.37
N ALA B 170 10.85 -24.79 6.15
CA ALA B 170 9.98 -25.70 6.92
C ALA B 170 9.24 -26.68 6.02
N GLN B 171 8.89 -26.25 4.80
CA GLN B 171 8.17 -27.11 3.88
C GLN B 171 9.06 -28.29 3.44
N ASP B 172 10.36 -28.04 3.31
CA ASP B 172 11.32 -29.06 2.90
C ASP B 172 11.59 -30.01 4.08
N TYR B 173 11.90 -29.42 5.23
CA TYR B 173 12.14 -30.19 6.45
C TYR B 173 10.99 -31.10 6.90
N LEU B 174 9.74 -30.68 6.67
CA LEU B 174 8.56 -31.40 7.17
C LEU B 174 7.91 -32.31 6.10
N THR B 175 8.57 -32.47 4.94
CA THR B 175 8.04 -33.30 3.86
CA THR B 175 8.03 -33.29 3.86
C THR B 175 7.60 -34.69 4.33
N ASN B 176 8.45 -35.35 5.12
CA ASN B 176 8.21 -36.71 5.58
C ASN B 176 7.56 -36.83 6.95
N TYR B 177 7.34 -35.70 7.63
CA TYR B 177 6.78 -35.72 8.97
C TYR B 177 5.30 -36.12 8.94
N VAL B 178 4.95 -37.12 9.74
CA VAL B 178 3.55 -37.55 9.91
C VAL B 178 3.19 -37.50 11.40
N ARG B 179 2.13 -36.77 11.74
CA ARG B 179 1.75 -36.57 13.15
C ARG B 179 1.31 -37.87 13.85
N LYS B 180 1.71 -38.02 15.12
CA LYS B 180 1.34 -39.19 15.93
C LYS B 180 0.03 -38.94 16.71
N GLY B 181 -1.10 -38.91 15.99
CA GLY B 181 -2.42 -38.75 16.64
C GLY B 181 -2.78 -37.31 16.96
N ASP B 182 -3.99 -37.11 17.50
CA ASP B 182 -4.56 -35.77 17.69
C ASP B 182 -3.78 -34.94 18.71
N GLY B 183 -3.11 -35.60 19.65
CA GLY B 183 -2.29 -34.94 20.65
C GLY B 183 -1.10 -34.19 20.09
N GLN B 184 -0.70 -34.56 18.87
CA GLN B 184 0.43 -33.97 18.18
C GLN B 184 -0.01 -32.88 17.21
N LYS B 185 -1.27 -32.44 17.31
CA LYS B 185 -1.77 -31.38 16.43
C LYS B 185 -1.26 -29.98 16.79
N PHE B 186 -0.43 -29.85 17.83
CA PHE B 186 0.30 -28.59 18.09
C PHE B 186 1.58 -28.49 17.26
N LYS B 187 2.07 -29.63 16.77
CA LYS B 187 3.27 -29.65 15.95
C LYS B 187 2.94 -29.26 14.50
N PRO B 188 3.65 -28.24 13.98
CA PRO B 188 3.48 -27.89 12.57
C PRO B 188 3.86 -29.06 11.67
N ASN B 189 3.04 -29.30 10.66
CA ASN B 189 3.34 -30.28 9.62
C ASN B 189 3.25 -29.59 8.25
N THR B 190 2.94 -30.32 7.18
CA THR B 190 2.77 -29.75 5.85
C THR B 190 1.48 -28.94 5.74
N ASP B 191 0.45 -29.37 6.48
CA ASP B 191 -0.84 -28.69 6.41
C ASP B 191 -0.75 -27.31 7.06
N VAL B 192 -0.13 -27.25 8.24
CA VAL B 192 0.14 -25.99 8.92
C VAL B 192 1.03 -25.07 8.07
N VAL B 193 2.10 -25.61 7.48
CA VAL B 193 2.94 -24.78 6.63
C VAL B 193 2.15 -24.14 5.49
N ASN B 194 1.39 -24.95 4.76
CA ASN B 194 0.63 -24.47 3.61
C ASN B 194 -0.40 -23.40 3.95
N GLY B 195 -1.06 -23.59 5.08
CA GLY B 195 -2.03 -22.65 5.63
C GLY B 195 -1.39 -21.38 6.14
N LEU B 196 -0.19 -21.46 6.71
CA LEU B 196 0.55 -20.27 7.09
C LEU B 196 0.98 -19.52 5.82
N MSE B 197 1.41 -20.26 4.80
CA MSE B 197 1.69 -19.70 3.48
C MSE B 197 0.44 -19.05 2.87
O MSE B 197 0.53 -17.96 2.33
CB MSE B 197 2.21 -20.77 2.51
CG MSE B 197 3.64 -21.20 2.75
SE MSE B 197 4.16 -22.55 1.45
CE MSE B 197 5.98 -22.88 2.09
N ALA B 198 -0.71 -19.72 2.96
CA ALA B 198 -1.96 -19.13 2.46
C ALA B 198 -2.23 -17.76 3.09
N ARG B 199 -2.02 -17.65 4.40
CA ARG B 199 -2.22 -16.38 5.12
C ARG B 199 -1.24 -15.29 4.63
N ALA B 200 0.02 -15.69 4.42
CA ALA B 200 1.07 -14.76 4.00
C ALA B 200 0.88 -14.30 2.56
N TYR B 201 0.50 -15.22 1.67
CA TYR B 201 0.16 -14.88 0.30
C TYR B 201 -1.03 -13.91 0.28
N LEU B 202 -2.02 -14.18 1.12
CA LEU B 202 -3.20 -13.31 1.19
C LEU B 202 -2.78 -11.92 1.66
N LEU B 203 -2.01 -11.86 2.74
CA LEU B 203 -1.56 -10.59 3.30
C LEU B 203 -0.64 -9.75 2.40
N THR B 204 -0.02 -10.41 1.41
CA THR B 204 0.84 -9.72 0.45
C THR B 204 0.18 -9.62 -0.93
N GLY B 205 -1.13 -9.87 -0.97
CA GLY B 205 -1.89 -9.69 -2.19
C GLY B 205 -1.60 -10.69 -3.28
N GLN B 206 -0.94 -11.81 -2.95
CA GLN B 206 -0.64 -12.84 -3.95
C GLN B 206 -1.82 -13.80 -4.02
N TRP B 207 -2.87 -13.40 -4.74
CA TRP B 207 -4.16 -14.04 -4.62
C TRP B 207 -4.17 -15.47 -5.16
N GLY B 208 -3.51 -15.68 -6.29
CA GLY B 208 -3.43 -17.01 -6.89
C GLY B 208 -2.73 -18.02 -6.00
N GLU B 209 -1.71 -17.56 -5.28
CA GLU B 209 -0.92 -18.45 -4.44
C GLU B 209 -1.67 -18.76 -3.16
N ALA B 210 -2.33 -17.74 -2.59
CA ALA B 210 -3.15 -17.84 -1.41
C ALA B 210 -4.26 -18.87 -1.56
N ALA B 211 -4.95 -18.85 -2.69
CA ALA B 211 -5.99 -19.83 -3.01
C ALA B 211 -5.44 -21.23 -3.17
N LYS B 212 -4.30 -21.36 -3.85
CA LYS B 212 -3.67 -22.66 -4.03
C LYS B 212 -3.25 -23.29 -2.70
N ALA B 213 -2.57 -22.49 -1.86
CA ALA B 213 -2.04 -22.97 -0.59
C ALA B 213 -3.14 -23.32 0.41
N ALA B 214 -4.20 -22.51 0.41
CA ALA B 214 -5.37 -22.74 1.26
C ALA B 214 -6.05 -24.08 0.97
N GLU B 215 -6.24 -24.37 -0.32
CA GLU B 215 -6.82 -25.63 -0.78
C GLU B 215 -5.90 -26.79 -0.43
N ALA B 216 -4.58 -26.57 -0.50
CA ALA B 216 -3.63 -27.61 -0.12
C ALA B 216 -3.71 -27.90 1.39
N ALA B 217 -3.75 -26.84 2.18
CA ALA B 217 -3.75 -26.90 3.63
C ALA B 217 -4.90 -27.69 4.27
N ARG B 218 -6.04 -27.75 3.59
CA ARG B 218 -7.24 -28.35 4.16
C ARG B 218 -7.40 -29.82 3.73
N LYS B 219 -6.38 -30.41 3.10
CA LYS B 219 -6.45 -31.80 2.64
C LYS B 219 -6.74 -32.75 3.79
N GLY B 220 -7.83 -33.51 3.66
CA GLY B 220 -8.19 -34.52 4.65
C GLY B 220 -9.11 -34.01 5.74
N TYR B 221 -9.26 -32.71 5.90
CA TYR B 221 -10.08 -32.18 6.98
C TYR B 221 -11.52 -32.15 6.51
N SER B 222 -12.47 -32.22 7.44
CA SER B 222 -13.87 -32.17 7.09
C SER B 222 -14.46 -30.85 7.57
N LEU B 223 -15.76 -30.69 7.39
CA LEU B 223 -16.50 -29.57 7.95
C LEU B 223 -17.57 -30.10 8.91
N MSE B 224 -17.76 -29.41 10.02
CA MSE B 224 -18.83 -29.69 10.95
C MSE B 224 -20.16 -29.38 10.27
O MSE B 224 -20.23 -28.47 9.43
CB MSE B 224 -18.70 -28.82 12.20
CG MSE B 224 -17.55 -29.23 13.13
SE MSE B 224 -17.33 -28.01 14.60
CE MSE B 224 -16.55 -26.49 13.68
N THR B 225 -21.18 -30.16 10.61
CA THR B 225 -22.51 -29.99 10.01
C THR B 225 -23.67 -29.91 11.00
N THR B 226 -23.38 -29.91 12.30
CA THR B 226 -24.40 -29.88 13.34
C THR B 226 -24.07 -28.89 14.46
N THR B 227 -25.11 -28.26 15.00
CA THR B 227 -25.00 -27.41 16.18
C THR B 227 -24.30 -28.08 17.37
N ALA B 228 -24.51 -29.39 17.57
CA ALA B 228 -23.90 -30.10 18.72
C ALA B 228 -22.38 -30.28 18.55
N GLU B 229 -21.93 -30.54 17.33
CA GLU B 229 -20.49 -30.51 17.01
C GLU B 229 -19.89 -29.11 17.22
N TYR B 230 -20.65 -28.09 16.83
CA TYR B 230 -20.12 -26.73 16.74
C TYR B 230 -19.98 -26.07 18.10
N GLU B 231 -20.97 -26.26 18.97
CA GLU B 231 -20.91 -25.80 20.37
C GLU B 231 -19.75 -26.48 21.12
N GLY B 232 -18.80 -25.69 21.62
CA GLY B 232 -17.68 -26.22 22.41
C GLY B 232 -16.37 -25.48 22.20
N PHE B 233 -15.76 -25.72 21.05
CA PHE B 233 -14.45 -25.16 20.66
C PHE B 233 -13.43 -25.36 21.75
N ASN B 234 -13.24 -26.63 22.11
CA ASN B 234 -12.39 -27.02 23.24
C ASN B 234 -11.67 -28.36 23.04
N ASN B 235 -11.79 -28.96 21.85
CA ASN B 235 -11.29 -30.32 21.59
C ASN B 235 -10.41 -30.38 20.36
N ILE B 236 -9.12 -30.65 20.54
CA ILE B 236 -8.18 -30.77 19.43
C ILE B 236 -8.44 -31.97 18.48
N SER B 237 -9.30 -32.90 18.89
CA SER B 237 -9.70 -34.02 18.01
C SER B 237 -10.78 -33.63 17.02
N ASN B 238 -11.25 -32.39 17.09
CA ASN B 238 -12.21 -31.88 16.12
C ASN B 238 -11.67 -31.96 14.72
N LYS B 239 -12.49 -32.48 13.81
CA LYS B 239 -12.07 -32.77 12.44
C LYS B 239 -11.71 -31.54 11.59
N GLU B 240 -12.15 -30.36 12.01
CA GLU B 240 -11.80 -29.12 11.30
C GLU B 240 -10.43 -28.59 11.73
N TRP B 241 -9.94 -28.99 12.91
CA TRP B 241 -8.75 -28.34 13.49
C TRP B 241 -7.46 -28.84 12.80
N ILE B 242 -6.85 -28.00 11.96
CA ILE B 242 -5.55 -28.31 11.33
C ILE B 242 -4.43 -28.07 12.32
N TRP B 243 -4.68 -27.19 13.29
CA TRP B 243 -3.64 -26.75 14.22
C TRP B 243 -4.26 -26.21 15.52
N GLY B 244 -3.68 -26.62 16.65
CA GLY B 244 -4.18 -26.22 17.96
C GLY B 244 -3.27 -26.66 19.08
N SER B 245 -3.53 -26.19 20.30
CA SER B 245 -2.73 -26.54 21.46
C SER B 245 -3.55 -27.39 22.45
N PRO B 246 -3.04 -28.58 22.79
CA PRO B 246 -3.71 -29.46 23.76
C PRO B 246 -3.53 -28.96 25.19
N GLN B 247 -4.65 -28.84 25.91
CA GLN B 247 -4.62 -28.42 27.32
C GLN B 247 -5.01 -29.59 28.23
N THR B 248 -4.20 -29.83 29.26
CA THR B 248 -4.40 -30.92 30.22
C THR B 248 -4.54 -30.37 31.63
N LEU B 249 -4.78 -31.25 32.61
CA LEU B 249 -4.82 -30.82 34.01
C LEU B 249 -3.46 -30.28 34.46
N SER B 250 -2.40 -30.90 33.95
CA SER B 250 -1.03 -30.56 34.38
C SER B 250 -0.50 -29.25 33.80
N GLN B 251 -0.80 -29.00 32.52
CA GLN B 251 -0.37 -27.83 31.76
C GLN B 251 -1.60 -27.13 31.17
N SER B 252 -2.15 -26.21 31.96
CA SER B 252 -3.51 -25.74 31.79
C SER B 252 -3.67 -24.23 31.99
N ASP B 253 -2.59 -23.49 32.16
CA ASP B 253 -2.69 -22.07 32.55
C ASP B 253 -3.44 -21.24 31.50
N ALA B 254 -3.10 -21.45 30.23
CA ALA B 254 -3.80 -20.79 29.12
C ALA B 254 -5.32 -20.97 29.18
N SER B 255 -5.80 -22.06 29.81
CA SER B 255 -7.25 -22.32 29.85
C SER B 255 -8.01 -21.32 30.69
N TYR B 256 -7.30 -20.57 31.55
CA TYR B 256 -7.88 -19.46 32.30
C TYR B 256 -8.63 -18.45 31.42
N ASN B 257 -8.19 -18.31 30.17
CA ASN B 257 -8.87 -17.39 29.24
C ASN B 257 -10.31 -17.76 28.94
N PHE B 258 -10.62 -19.06 28.96
CA PHE B 258 -12.01 -19.50 28.78
C PHE B 258 -12.94 -18.98 29.89
N TYR B 259 -12.40 -18.55 31.04
CA TYR B 259 -13.22 -17.86 32.06
C TYR B 259 -13.78 -16.51 31.52
N TYR B 260 -13.11 -15.94 30.52
CA TYR B 260 -13.61 -14.75 29.83
C TYR B 260 -14.55 -15.13 28.71
N LEU B 261 -14.16 -16.17 27.97
CA LEU B 261 -14.82 -16.59 26.74
C LEU B 261 -16.10 -17.45 26.89
N ASP B 262 -16.18 -18.23 27.94
CA ASP B 262 -17.30 -19.16 28.17
C ASP B 262 -18.49 -18.42 28.76
N ALA B 263 -19.47 -18.16 27.90
CA ALA B 263 -20.64 -17.34 28.22
C ALA B 263 -21.58 -17.89 29.30
N THR B 264 -21.68 -19.21 29.37
CA THR B 264 -22.60 -19.88 30.30
C THR B 264 -21.92 -20.41 31.55
N TYR B 265 -20.61 -20.19 31.69
CA TYR B 265 -19.87 -20.56 32.89
C TYR B 265 -20.44 -19.88 34.14
N VAL B 266 -20.55 -20.65 35.23
CA VAL B 266 -21.09 -20.15 36.50
C VAL B 266 -19.95 -19.56 37.35
N GLY B 267 -20.04 -18.27 37.65
CA GLY B 267 -19.15 -17.62 38.62
C GLY B 267 -17.76 -17.29 38.11
N ALA B 268 -17.65 -16.96 36.83
CA ALA B 268 -16.39 -16.61 36.20
C ALA B 268 -16.43 -15.14 35.79
N TYR B 269 -16.00 -14.82 34.57
CA TYR B 269 -16.08 -13.45 34.04
C TYR B 269 -17.16 -13.35 32.97
N SER B 270 -17.08 -14.23 31.99
CA SER B 270 -18.09 -14.33 30.92
C SER B 270 -18.35 -12.97 30.28
N SER B 271 -17.25 -12.37 29.81
CA SER B 271 -17.20 -10.96 29.40
C SER B 271 -17.34 -10.74 27.89
N PHE B 272 -17.12 -11.79 27.10
CA PHE B 272 -17.21 -11.73 25.63
C PHE B 272 -18.63 -12.00 25.13
N MSE B 273 -19.48 -10.98 25.18
CA MSE B 273 -20.82 -11.10 24.64
C MSE B 273 -20.79 -10.76 23.14
O MSE B 273 -19.81 -10.20 22.68
CB MSE B 273 -21.79 -10.20 25.42
CG MSE B 273 -21.96 -10.60 26.90
SE MSE B 273 -22.82 -12.30 27.22
CE MSE B 273 -21.15 -13.39 27.41
N ALA B 274 -21.85 -11.12 22.42
CA ALA B 274 -21.95 -10.86 20.97
C ALA B 274 -22.71 -9.58 20.64
N ASP B 275 -22.31 -8.91 19.55
CA ASP B 275 -23.09 -7.82 18.94
C ASP B 275 -24.36 -8.42 18.35
N PRO B 276 -25.54 -7.95 18.79
CA PRO B 276 -26.75 -8.51 18.15
C PRO B 276 -26.85 -8.24 16.64
N HIS B 277 -26.29 -7.13 16.17
CA HIS B 277 -26.35 -6.82 14.74
C HIS B 277 -25.64 -7.91 13.92
N LEU B 278 -24.60 -8.51 14.50
CA LEU B 278 -23.96 -9.68 13.88
C LEU B 278 -24.91 -10.87 13.79
N MSE B 279 -25.61 -11.16 14.88
CA MSE B 279 -26.60 -12.25 14.88
CA MSE B 279 -26.60 -12.24 14.89
C MSE B 279 -27.67 -12.01 13.79
O MSE B 279 -28.08 -12.94 13.10
CB MSE B 279 -27.28 -12.39 16.24
CB MSE B 279 -27.21 -12.37 16.29
CG MSE B 279 -28.28 -13.54 16.32
CG MSE B 279 -28.20 -13.47 16.46
SE MSE B 279 -29.49 -13.38 17.82
SE MSE B 279 -29.98 -12.80 16.14
CE MSE B 279 -31.08 -14.16 16.99
CE MSE B 279 -30.02 -11.29 17.37
N ASP B 280 -28.08 -10.75 13.64
CA ASP B 280 -29.07 -10.37 12.60
C ASP B 280 -28.66 -10.77 11.17
N THR B 281 -27.36 -10.99 10.94
CA THR B 281 -26.85 -11.30 9.61
C THR B 281 -26.94 -12.79 9.25
N PHE B 282 -27.16 -13.65 10.24
CA PHE B 282 -27.28 -15.10 10.04
C PHE B 282 -28.61 -15.42 9.35
N VAL B 283 -28.61 -16.46 8.52
CA VAL B 283 -29.78 -16.91 7.76
C VAL B 283 -30.50 -18.02 8.54
N LYS B 284 -31.84 -18.00 8.52
CA LYS B 284 -32.64 -19.08 9.13
C LYS B 284 -32.13 -20.46 8.69
N GLY B 285 -31.87 -21.34 9.66
CA GLY B 285 -31.40 -22.69 9.37
C GLY B 285 -29.91 -22.88 9.59
N ASP B 286 -29.19 -21.79 9.87
CA ASP B 286 -27.76 -21.86 10.13
C ASP B 286 -27.51 -22.60 11.45
N ILE B 287 -26.72 -23.67 11.40
CA ILE B 287 -26.39 -24.44 12.60
C ILE B 287 -25.83 -23.59 13.76
N ARG B 288 -25.23 -22.43 13.46
CA ARG B 288 -24.63 -21.59 14.51
C ARG B 288 -25.68 -20.75 15.24
N LEU B 289 -26.78 -20.45 14.55
CA LEU B 289 -27.79 -19.53 15.09
C LEU B 289 -28.23 -19.92 16.53
N PRO B 290 -28.59 -21.20 16.75
CA PRO B 290 -29.09 -21.61 18.08
C PRO B 290 -28.14 -21.40 19.26
N LEU B 291 -26.86 -21.12 19.01
CA LEU B 291 -25.92 -20.81 20.09
C LEU B 291 -26.05 -19.38 20.62
N PHE B 292 -26.79 -18.53 19.90
CA PHE B 292 -27.09 -17.16 20.37
C PHE B 292 -28.19 -17.19 21.42
N GLN B 293 -27.92 -16.56 22.56
CA GLN B 293 -28.84 -16.64 23.70
C GLN B 293 -28.82 -15.36 24.52
N TRP B 294 -29.96 -14.66 24.58
CA TRP B 294 -30.12 -13.56 25.53
C TRP B 294 -29.93 -14.07 26.96
N MSE B 295 -29.16 -13.35 27.75
CA MSE B 295 -28.67 -13.85 29.02
C MSE B 295 -28.25 -12.76 29.99
O MSE B 295 -28.04 -11.61 29.61
CB MSE B 295 -27.47 -14.78 28.78
CG MSE B 295 -26.21 -14.11 28.35
SE MSE B 295 -24.68 -15.35 28.39
CE MSE B 295 -25.53 -16.80 27.45
N ARG B 296 -28.14 -13.17 31.25
CA ARG B 296 -27.57 -12.35 32.31
C ARG B 296 -28.26 -10.98 32.40
N GLU B 297 -27.52 -9.88 32.32
CA GLU B 297 -28.13 -8.55 32.51
C GLU B 297 -28.85 -8.04 31.24
N GLY B 298 -28.85 -8.83 30.18
CA GLY B 298 -29.48 -8.45 28.93
C GLY B 298 -28.58 -8.53 27.69
N TYR B 299 -27.32 -8.93 27.88
CA TYR B 299 -26.44 -9.17 26.76
C TYR B 299 -26.86 -10.39 25.94
N LEU B 300 -26.31 -10.48 24.73
CA LEU B 300 -26.53 -11.62 23.85
C LEU B 300 -25.30 -12.51 23.96
N GLY B 301 -25.47 -13.73 24.43
CA GLY B 301 -24.36 -14.69 24.51
C GLY B 301 -24.24 -15.45 23.21
N TYR B 302 -23.03 -15.89 22.91
CA TYR B 302 -22.83 -16.79 21.79
C TYR B 302 -22.04 -17.95 22.38
N LYS B 303 -22.71 -19.11 22.43
CA LYS B 303 -22.29 -20.25 23.22
C LYS B 303 -21.33 -21.11 22.42
N LYS B 304 -20.30 -20.46 21.89
CA LYS B 304 -19.37 -21.10 20.97
C LYS B 304 -18.23 -21.79 21.73
N PHE B 305 -17.71 -21.13 22.77
CA PHE B 305 -16.61 -21.68 23.57
C PHE B 305 -17.10 -22.17 24.96
N HIS B 306 -16.79 -23.42 25.31
CA HIS B 306 -17.08 -23.92 26.68
C HIS B 306 -15.86 -24.56 27.29
N MSE B 307 -15.66 -24.32 28.57
CA MSE B 307 -14.73 -25.13 29.36
C MSE B 307 -15.23 -26.55 29.44
O MSE B 307 -16.43 -26.78 29.54
CB MSE B 307 -14.58 -24.59 30.76
CG MSE B 307 -13.64 -23.44 30.81
SE MSE B 307 -11.80 -24.05 30.87
CE MSE B 307 -11.28 -22.75 32.17
N ARG B 308 -14.31 -27.49 29.38
CA ARG B 308 -14.63 -28.89 29.63
C ARG B 308 -14.70 -29.11 31.15
N SER B 309 -15.25 -30.26 31.54
CA SER B 309 -15.48 -30.66 32.95
C SER B 309 -14.25 -30.56 33.86
N ASP B 310 -13.05 -30.72 33.29
CA ASP B 310 -11.81 -30.61 34.05
C ASP B 310 -11.28 -29.18 34.17
N ASP B 311 -12.12 -28.22 33.78
CA ASP B 311 -11.78 -26.78 33.77
C ASP B 311 -10.59 -26.48 32.83
N THR B 312 -10.47 -27.27 31.76
CA THR B 312 -9.52 -27.00 30.67
C THR B 312 -10.26 -26.95 29.31
N ALA B 313 -9.60 -26.38 28.31
CA ALA B 313 -10.09 -26.36 26.93
C ALA B 313 -8.93 -26.30 25.95
N ASP B 314 -8.89 -27.24 25.01
CA ASP B 314 -7.92 -27.16 23.91
C ASP B 314 -8.14 -25.87 23.09
N LEU B 315 -7.05 -25.38 22.49
CA LEU B 315 -6.97 -24.04 21.91
C LEU B 315 -6.75 -24.10 20.41
N VAL B 316 -7.75 -23.64 19.67
CA VAL B 316 -7.74 -23.73 18.20
C VAL B 316 -6.85 -22.63 17.58
N LEU B 317 -6.15 -22.99 16.50
CA LEU B 317 -5.28 -22.05 15.78
C LEU B 317 -5.65 -21.90 14.31
N MSE B 318 -6.06 -23.01 13.68
CA MSE B 318 -6.34 -23.06 12.27
C MSE B 318 -7.38 -24.16 12.02
O MSE B 318 -7.25 -25.28 12.52
CB MSE B 318 -5.04 -23.34 11.50
CG MSE B 318 -5.11 -23.24 9.97
SE MSE B 318 -3.39 -23.80 9.21
CE MSE B 318 -2.45 -22.23 9.75
N ARG B 319 -8.44 -23.80 11.30
CA ARG B 319 -9.46 -24.71 10.83
C ARG B 319 -9.61 -24.74 9.32
N SER B 320 -10.21 -25.82 8.82
CA SER B 320 -10.62 -25.92 7.44
C SER B 320 -11.60 -24.80 7.04
N ALA B 321 -12.45 -24.37 7.96
CA ALA B 321 -13.42 -23.31 7.67
C ALA B 321 -12.73 -22.00 7.22
N GLU B 322 -11.63 -21.64 7.90
CA GLU B 322 -10.78 -20.50 7.51
C GLU B 322 -10.20 -20.71 6.11
N MSE B 323 -9.69 -21.91 5.82
CA MSE B 323 -9.11 -22.15 4.49
C MSE B 323 -10.13 -21.94 3.36
O MSE B 323 -9.78 -21.39 2.33
CB MSE B 323 -8.46 -23.52 4.39
CG MSE B 323 -7.27 -23.69 5.31
SE MSE B 323 -5.82 -22.42 5.12
CE MSE B 323 -6.15 -21.25 6.61
N TYR B 324 -11.38 -22.38 3.54
CA TYR B 324 -12.43 -22.09 2.53
C TYR B 324 -12.64 -20.56 2.36
N LEU B 325 -12.62 -19.83 3.47
CA LEU B 325 -12.76 -18.39 3.44
C LEU B 325 -11.58 -17.74 2.67
N ILE B 326 -10.35 -18.20 2.92
CA ILE B 326 -9.17 -17.66 2.23
C ILE B 326 -9.20 -17.89 0.73
N GLU B 327 -9.46 -19.14 0.32
CA GLU B 327 -9.56 -19.48 -1.08
C GLU B 327 -10.66 -18.65 -1.76
N ALA B 328 -11.78 -18.43 -1.09
CA ALA B 328 -12.91 -17.73 -1.68
C ALA B 328 -12.56 -16.28 -1.94
N GLU B 329 -12.03 -15.63 -0.91
CA GLU B 329 -11.58 -14.23 -1.02
C GLU B 329 -10.49 -14.11 -2.08
N ALA B 330 -9.44 -14.90 -1.94
CA ALA B 330 -8.35 -14.89 -2.91
C ALA B 330 -8.84 -15.12 -4.35
N LYS B 331 -9.75 -16.07 -4.56
CA LYS B 331 -10.23 -16.35 -5.92
C LYS B 331 -11.01 -15.15 -6.51
N VAL B 332 -11.86 -14.53 -5.68
CA VAL B 332 -12.61 -13.34 -6.10
C VAL B 332 -11.67 -12.21 -6.49
N ARG B 333 -10.78 -11.83 -5.57
CA ARG B 333 -9.81 -10.77 -5.83
C ARG B 333 -8.91 -11.07 -7.06
N ASP B 334 -8.68 -12.35 -7.34
CA ASP B 334 -7.82 -12.76 -8.45
C ASP B 334 -8.49 -12.63 -9.83
N GLY B 335 -9.79 -12.37 -9.84
CA GLY B 335 -10.54 -12.21 -11.08
C GLY B 335 -11.13 -13.50 -11.60
N VAL B 336 -11.18 -14.53 -10.75
CA VAL B 336 -11.84 -15.78 -11.15
C VAL B 336 -13.34 -15.46 -11.28
N ALA B 337 -14.00 -16.06 -12.25
CA ALA B 337 -15.44 -15.81 -12.45
C ALA B 337 -16.20 -16.05 -11.15
N LEU B 338 -17.18 -15.20 -10.85
CA LEU B 338 -17.74 -15.12 -9.50
C LEU B 338 -18.46 -16.39 -9.10
N ASP B 339 -19.16 -17.03 -10.03
CA ASP B 339 -19.84 -18.29 -9.73
C ASP B 339 -18.83 -19.38 -9.30
N GLN B 340 -17.66 -19.39 -9.92
CA GLN B 340 -16.58 -20.31 -9.53
C GLN B 340 -15.89 -19.86 -8.24
N ALA B 341 -15.68 -18.56 -8.11
CA ALA B 341 -14.95 -18.00 -6.98
C ALA B 341 -15.61 -18.31 -5.62
N VAL B 342 -16.94 -18.40 -5.61
CA VAL B 342 -17.74 -18.64 -4.39
C VAL B 342 -18.00 -20.13 -4.08
N ALA B 343 -17.55 -21.03 -4.94
CA ALA B 343 -17.66 -22.47 -4.69
C ALA B 343 -17.19 -22.83 -3.25
N PRO B 344 -15.98 -22.37 -2.82
CA PRO B 344 -15.53 -22.61 -1.43
CA PRO B 344 -15.57 -22.64 -1.43
C PRO B 344 -16.45 -21.98 -0.36
N LEU B 345 -16.98 -20.79 -0.66
CA LEU B 345 -17.88 -20.12 0.28
C LEU B 345 -19.16 -20.95 0.46
N ASN B 346 -19.68 -21.46 -0.66
CA ASN B 346 -20.85 -22.33 -0.66
C ASN B 346 -20.60 -23.65 0.06
N THR B 347 -19.41 -24.25 -0.12
CA THR B 347 -19.07 -25.45 0.61
C THR B 347 -19.26 -25.24 2.12
N LEU B 348 -18.66 -24.18 2.65
CA LEU B 348 -18.84 -23.79 4.05
C LEU B 348 -20.30 -23.49 4.38
N ARG B 349 -20.94 -22.64 3.56
CA ARG B 349 -22.37 -22.32 3.77
C ARG B 349 -23.23 -23.60 3.88
N THR B 350 -23.10 -24.51 2.92
CA THR B 350 -23.88 -25.75 2.97
C THR B 350 -23.64 -26.53 4.28
N ALA B 351 -22.37 -26.64 4.69
CA ALA B 351 -21.99 -27.35 5.91
C ALA B 351 -22.67 -26.73 7.13
N ARG B 352 -22.73 -25.39 7.15
CA ARG B 352 -23.39 -24.65 8.21
C ARG B 352 -24.91 -24.54 8.03
N GLY B 353 -25.47 -25.29 7.08
CA GLY B 353 -26.92 -25.37 6.91
C GLY B 353 -27.57 -24.21 6.17
N VAL B 354 -26.82 -23.57 5.27
CA VAL B 354 -27.31 -22.41 4.51
C VAL B 354 -27.19 -22.65 3.00
N GLY B 355 -28.18 -22.17 2.25
CA GLY B 355 -28.19 -22.30 0.78
C GLY B 355 -27.03 -21.59 0.07
N ASN B 356 -26.94 -21.77 -1.24
CA ASN B 356 -25.86 -21.16 -2.00
C ASN B 356 -26.03 -19.66 -2.12
N TYR B 357 -24.92 -18.95 -2.00
CA TYR B 357 -24.90 -17.50 -2.13
C TYR B 357 -24.98 -17.15 -3.61
N ASP B 358 -25.99 -16.36 -3.95
CA ASP B 358 -26.28 -16.01 -5.35
C ASP B 358 -25.43 -14.82 -5.79
N VAL B 359 -24.65 -15.00 -6.86
CA VAL B 359 -23.76 -13.94 -7.37
C VAL B 359 -24.38 -13.18 -8.55
N THR B 360 -25.57 -13.60 -8.98
CA THR B 360 -26.33 -12.89 -9.99
C THR B 360 -26.36 -11.40 -9.66
N GLY B 361 -25.85 -10.58 -10.57
CA GLY B 361 -25.99 -9.12 -10.47
C GLY B 361 -25.25 -8.51 -9.31
N LYS B 362 -24.17 -9.19 -8.87
CA LYS B 362 -23.32 -8.70 -7.78
C LYS B 362 -21.97 -8.26 -8.35
N THR B 363 -21.42 -7.20 -7.77
CA THR B 363 -20.06 -6.77 -8.10
C THR B 363 -19.07 -7.63 -7.35
N LYS B 364 -17.80 -7.55 -7.70
CA LYS B 364 -16.75 -8.27 -6.96
C LYS B 364 -16.60 -7.72 -5.55
N GLU B 365 -16.73 -6.40 -5.40
CA GLU B 365 -16.63 -5.75 -4.08
C GLU B 365 -17.67 -6.31 -3.11
N GLN B 366 -18.91 -6.40 -3.59
CA GLN B 366 -20.03 -6.91 -2.80
C GLN B 366 -19.82 -8.35 -2.31
N VAL B 367 -19.23 -9.18 -3.17
CA VAL B 367 -18.98 -10.58 -2.87
C VAL B 367 -17.80 -10.73 -1.91
N ILE B 368 -16.79 -9.87 -2.03
CA ILE B 368 -15.71 -9.83 -1.04
C ILE B 368 -16.29 -9.43 0.32
N ASP B 369 -17.15 -8.42 0.34
CA ASP B 369 -17.75 -7.99 1.60
C ASP B 369 -18.56 -9.13 2.30
N GLU B 370 -19.27 -9.93 1.52
CA GLU B 370 -20.00 -11.11 2.04
C GLU B 370 -19.04 -12.13 2.65
N ILE B 371 -17.97 -12.42 1.93
CA ILE B 371 -16.93 -13.31 2.45
C ILE B 371 -16.29 -12.77 3.74
N LEU B 372 -15.97 -11.47 3.79
CA LEU B 372 -15.43 -10.86 5.00
C LEU B 372 -16.42 -10.89 6.18
N MSE B 373 -17.71 -10.77 5.87
CA MSE B 373 -18.74 -10.90 6.89
C MSE B 373 -18.85 -12.34 7.40
O MSE B 373 -19.09 -12.57 8.58
CB MSE B 373 -20.10 -10.40 6.38
CG MSE B 373 -21.06 -10.00 7.49
SE MSE B 373 -20.63 -8.24 8.30
CE MSE B 373 -21.38 -7.17 6.86
N GLU B 374 -18.68 -13.32 6.49
CA GLU B 374 -18.76 -14.73 6.84
C GLU B 374 -17.54 -15.10 7.69
N ARG B 375 -16.40 -14.50 7.36
CA ARG B 375 -15.23 -14.52 8.25
C ARG B 375 -15.60 -14.07 9.67
N ARG B 376 -16.35 -12.96 9.79
CA ARG B 376 -16.70 -12.42 11.11
C ARG B 376 -17.69 -13.31 11.87
N ARG B 377 -18.57 -13.97 11.12
CA ARG B 377 -19.49 -14.94 11.69
C ARG B 377 -18.79 -16.23 12.07
N GLU B 378 -18.02 -16.77 11.13
CA GLU B 378 -17.39 -18.07 11.30
C GLU B 378 -16.20 -18.10 12.27
N LEU B 379 -15.42 -17.04 12.30
CA LEU B 379 -14.17 -16.99 13.09
C LEU B 379 -14.31 -16.16 14.38
N TRP B 380 -15.55 -15.82 14.77
CA TRP B 380 -15.80 -15.06 16.02
C TRP B 380 -15.06 -15.62 17.24
N GLY B 381 -14.37 -14.76 17.98
CA GLY B 381 -13.71 -15.17 19.21
C GLY B 381 -12.42 -15.95 19.04
N GLU B 382 -12.05 -16.28 17.80
CA GLU B 382 -10.81 -17.04 17.51
C GLU B 382 -9.55 -16.16 17.27
N GLY B 383 -9.71 -14.84 17.34
CA GLY B 383 -8.56 -13.92 17.33
C GLY B 383 -8.20 -13.22 16.02
N PHE B 384 -9.12 -13.21 15.06
CA PHE B 384 -8.92 -12.58 13.74
C PHE B 384 -9.42 -11.15 13.59
N GLY B 385 -10.11 -10.65 14.62
CA GLY B 385 -10.82 -9.37 14.54
C GLY B 385 -10.04 -8.21 13.97
N ILE B 386 -9.05 -7.73 14.71
CA ILE B 386 -8.34 -6.50 14.39
C ILE B 386 -7.44 -6.71 13.19
N THR B 387 -6.87 -7.91 13.04
CA THR B 387 -6.04 -8.19 11.86
C THR B 387 -6.81 -8.22 10.53
N ASP B 388 -8.11 -8.51 10.56
CA ASP B 388 -8.99 -8.36 9.38
C ASP B 388 -9.41 -6.89 9.14
N VAL B 389 -9.56 -6.13 10.21
CA VAL B 389 -9.70 -4.67 10.11
C VAL B 389 -8.47 -4.08 9.42
N LEU B 390 -7.29 -4.41 9.92
CA LEU B 390 -6.03 -3.86 9.39
C LEU B 390 -5.79 -4.26 7.94
N ARG B 391 -5.83 -5.56 7.68
CA ARG B 391 -5.62 -6.17 6.37
C ARG B 391 -6.48 -5.55 5.26
N ASN B 392 -7.74 -5.28 5.55
CA ASN B 392 -8.64 -4.69 4.56
C ASN B 392 -8.78 -3.15 4.67
N GLN B 393 -8.00 -2.55 5.56
CA GLN B 393 -7.99 -1.11 5.79
C GLN B 393 -9.40 -0.56 6.05
N LYS B 394 -10.10 -1.23 6.97
CA LYS B 394 -11.43 -0.82 7.42
C LYS B 394 -11.34 -0.07 8.74
N ALA B 395 -12.47 0.53 9.13
CA ALA B 395 -12.65 1.07 10.47
C ALA B 395 -13.36 0.02 11.32
N VAL B 396 -13.16 0.11 12.63
CA VAL B 396 -13.96 -0.68 13.56
C VAL B 396 -15.39 -0.16 13.40
N GLU B 397 -16.34 -1.08 13.26
CA GLU B 397 -17.77 -0.77 13.08
C GLU B 397 -18.54 -1.25 14.28
N ARG B 398 -19.17 -0.32 15.00
CA ARG B 398 -20.01 -0.65 16.15
C ARG B 398 -21.23 0.26 16.20
N MSE B 399 -22.41 -0.35 16.07
N MSE B 399 -22.42 -0.34 16.09
CA MSE B 399 -23.69 0.37 16.18
CA MSE B 399 -23.68 0.41 16.18
C MSE B 399 -24.40 -0.04 17.46
C MSE B 399 -24.44 -0.03 17.43
O MSE B 399 -24.55 -1.22 17.74
O MSE B 399 -24.66 -1.21 17.65
CB MSE B 399 -24.60 0.02 15.01
CB MSE B 399 -24.53 0.17 14.94
CG MSE B 399 -24.13 0.50 13.65
CG MSE B 399 -23.99 0.80 13.67
SE MSE B 399 -25.63 0.75 12.42
SE MSE B 399 -24.01 2.74 13.71
CE MSE B 399 -26.55 -0.95 12.66
CE MSE B 399 -25.94 3.04 13.77
N ALA B 400 -24.84 0.95 18.24
CA ALA B 400 -25.66 0.68 19.41
C ALA B 400 -27.02 0.14 18.94
N LEU B 401 -27.71 -0.59 19.82
CA LEU B 401 -29.06 -1.05 19.51
C LEU B 401 -29.97 0.16 19.34
N SER B 402 -30.99 0.03 18.50
CA SER B 402 -31.96 1.10 18.27
C SER B 402 -32.67 1.47 19.57
N GLU B 403 -33.02 2.74 19.71
CA GLU B 403 -33.77 3.22 20.87
C GLU B 403 -35.03 2.39 21.11
N ASP B 404 -35.67 1.95 20.02
CA ASP B 404 -36.83 1.04 20.11
C ASP B 404 -36.44 -0.29 20.75
N MSE B 405 -35.48 -0.99 20.14
CA MSE B 405 -34.99 -2.28 20.65
C MSE B 405 -34.64 -2.20 22.14
O MSE B 405 -34.96 -3.12 22.90
CB MSE B 405 -33.78 -2.76 19.83
CG MSE B 405 -33.25 -4.15 20.20
SE MSE B 405 -34.49 -5.64 19.84
CE MSE B 405 -33.17 -7.06 19.50
N GLN B 406 -34.01 -1.11 22.56
CA GLN B 406 -33.57 -0.95 23.95
C GLN B 406 -34.71 -0.90 24.97
N LYS B 407 -35.92 -0.61 24.51
CA LYS B 407 -37.11 -0.57 25.38
C LYS B 407 -37.99 -1.84 25.29
N THR B 408 -37.48 -2.89 24.63
CA THR B 408 -38.17 -4.17 24.57
CA THR B 408 -38.17 -4.18 24.59
C THR B 408 -37.66 -5.05 25.73
N GLU B 409 -38.33 -6.19 25.96
CA GLU B 409 -37.90 -7.16 26.94
C GLU B 409 -37.58 -8.46 26.21
N VAL B 410 -36.48 -9.11 26.60
CA VAL B 410 -36.16 -10.46 26.13
C VAL B 410 -36.02 -11.41 27.32
N ASP B 411 -36.25 -12.70 27.09
CA ASP B 411 -36.13 -13.74 28.12
C ASP B 411 -34.67 -14.13 28.30
N CYS B 412 -34.06 -13.68 29.39
CA CYS B 412 -32.64 -13.89 29.63
C CYS B 412 -32.30 -15.09 30.50
N TRP B 413 -31.56 -16.05 29.93
CA TRP B 413 -30.98 -17.15 30.68
C TRP B 413 -30.12 -16.62 31.82
N GLN B 414 -30.26 -17.22 33.00
CA GLN B 414 -29.45 -16.88 34.17
C GLN B 414 -28.66 -18.10 34.63
N GLU B 415 -27.65 -17.89 35.46
CA GLU B 415 -26.72 -18.97 35.88
C GLU B 415 -27.36 -20.28 36.40
N GLY B 416 -28.50 -20.20 37.08
CA GLY B 416 -29.15 -21.43 37.58
C GLY B 416 -29.98 -22.23 36.57
N GLY B 417 -29.99 -21.82 35.31
CA GLY B 417 -30.85 -22.43 34.29
C GLY B 417 -32.16 -21.70 34.08
N SER B 418 -32.53 -20.82 35.02
CA SER B 418 -33.81 -20.10 34.93
C SER B 418 -33.71 -18.86 34.03
N PHE B 419 -34.88 -18.29 33.72
CA PHE B 419 -35.01 -17.18 32.81
C PHE B 419 -35.70 -16.00 33.49
N ALA B 420 -35.40 -14.80 33.00
CA ALA B 420 -35.98 -13.55 33.52
C ALA B 420 -36.04 -12.51 32.39
N LYS B 421 -36.88 -11.49 32.56
CA LYS B 421 -37.06 -10.45 31.54
C LYS B 421 -36.02 -9.34 31.73
N ARG B 422 -35.37 -8.97 30.63
CA ARG B 422 -34.44 -7.84 30.59
C ARG B 422 -34.56 -7.07 29.28
N ASN B 423 -34.19 -5.79 29.32
CA ASN B 423 -34.01 -5.00 28.12
C ASN B 423 -32.72 -5.46 27.42
N PRO B 424 -32.76 -5.72 26.10
CA PRO B 424 -31.55 -6.19 25.40
C PRO B 424 -30.39 -5.19 25.44
N LEU B 425 -29.16 -5.70 25.40
CA LEU B 425 -27.95 -4.88 25.46
C LEU B 425 -27.02 -5.17 24.29
N GLY B 426 -26.48 -4.11 23.70
CA GLY B 426 -25.55 -4.21 22.57
C GLY B 426 -24.33 -3.33 22.78
N HIS B 427 -23.71 -2.92 21.68
CA HIS B 427 -22.53 -2.06 21.71
C HIS B 427 -22.77 -0.77 22.50
N TRP B 428 -21.75 -0.38 23.26
CA TRP B 428 -21.82 0.81 24.10
C TRP B 428 -20.62 1.76 23.99
N PHE B 429 -19.50 1.31 23.42
CA PHE B 429 -18.32 2.18 23.17
C PHE B 429 -18.19 2.43 21.66
N LEU B 430 -18.74 3.56 21.20
CA LEU B 430 -19.10 3.75 19.78
C LEU B 430 -18.20 4.74 19.01
N ASN B 431 -17.15 5.24 19.67
CA ASN B 431 -16.13 6.06 19.02
C ASN B 431 -14.83 5.92 19.78
N PHE B 432 -13.77 6.54 19.27
CA PHE B 432 -12.46 6.46 19.92
C PHE B 432 -12.42 7.26 21.23
N PRO B 433 -11.39 7.00 22.08
CA PRO B 433 -11.19 7.76 23.32
C PRO B 433 -10.87 9.26 23.15
N ASP B 434 -10.49 9.67 21.95
CA ASP B 434 -10.18 11.08 21.65
C ASP B 434 -11.43 11.88 21.22
N GLY B 435 -12.57 11.20 21.08
CA GLY B 435 -13.80 11.83 20.60
C GLY B 435 -14.03 11.63 19.11
N LYS B 436 -13.01 11.15 18.40
CA LYS B 436 -13.11 10.99 16.95
C LYS B 436 -13.90 9.73 16.61
N ALA B 437 -14.66 9.77 15.51
CA ALA B 437 -15.36 8.60 15.01
C ALA B 437 -14.35 7.54 14.58
N PHE B 438 -14.77 6.27 14.57
CA PHE B 438 -13.92 5.18 14.10
C PHE B 438 -13.51 5.39 12.65
N SER B 439 -12.22 5.17 12.38
CA SER B 439 -11.66 5.52 11.09
C SER B 439 -10.68 4.45 10.63
N ALA B 440 -10.47 4.39 9.33
CA ALA B 440 -9.55 3.43 8.73
C ALA B 440 -8.12 3.73 9.16
N ASN B 441 -7.32 2.68 9.27
CA ASN B 441 -5.90 2.80 9.64
C ASN B 441 -5.66 3.77 10.79
N SER B 442 -6.29 3.49 11.94
CA SER B 442 -6.05 4.26 13.13
C SER B 442 -4.90 3.64 13.92
N SER B 443 -4.11 4.48 14.58
CA SER B 443 -3.04 4.03 15.46
CA SER B 443 -3.04 4.02 15.47
C SER B 443 -3.59 3.32 16.73
N TYR B 444 -4.88 3.49 17.01
CA TYR B 444 -5.51 2.72 18.09
C TYR B 444 -5.53 1.22 17.79
N TYR B 445 -5.44 0.84 16.50
CA TYR B 445 -5.55 -0.56 16.07
C TYR B 445 -4.23 -1.34 16.08
N LEU B 446 -3.12 -0.65 16.32
CA LEU B 446 -1.80 -1.29 16.32
C LEU B 446 -1.26 -1.41 17.73
N TYR B 447 -0.59 -2.52 18.04
CA TYR B 447 0.14 -2.62 19.29
C TYR B 447 1.27 -1.61 19.20
N ALA B 448 1.66 -0.99 20.32
CA ALA B 448 2.84 -0.14 20.34
C ALA B 448 4.08 -0.96 20.66
N ILE B 449 5.23 -0.61 20.13
CA ILE B 449 6.48 -1.18 20.64
C ILE B 449 6.60 -0.66 22.08
N PRO B 450 6.90 -1.56 23.05
CA PRO B 450 6.88 -1.17 24.46
C PRO B 450 8.00 -0.21 24.85
N GLU B 451 7.70 0.68 25.79
CA GLU B 451 8.67 1.64 26.28
C GLU B 451 9.99 0.96 26.68
N LYS B 452 9.91 -0.22 27.31
CA LYS B 452 11.13 -0.93 27.76
C LYS B 452 12.06 -1.22 26.59
N GLU B 453 11.48 -1.60 25.46
CA GLU B 453 12.25 -1.86 24.23
C GLU B 453 12.82 -0.56 23.63
N ILE B 454 11.96 0.45 23.50
CA ILE B 454 12.37 1.79 23.08
C ILE B 454 13.54 2.33 23.89
N ASN B 455 13.43 2.25 25.21
CA ASN B 455 14.45 2.79 26.11
C ASN B 455 15.79 2.06 26.04
N ALA B 456 15.74 0.77 25.72
CA ALA B 456 16.90 -0.12 25.75
C ALA B 456 17.59 -0.15 24.39
N ASN B 457 16.82 0.09 23.34
CA ASN B 457 17.28 -0.10 21.97
C ASN B 457 17.47 1.26 21.26
N PRO B 458 18.73 1.73 21.16
CA PRO B 458 18.95 3.06 20.57
C PRO B 458 18.58 3.13 19.08
N ASN B 459 18.37 1.98 18.44
CA ASN B 459 17.98 1.90 17.04
C ASN B 459 16.49 2.13 16.76
N LEU B 460 15.68 2.28 17.80
CA LEU B 460 14.22 2.43 17.65
C LEU B 460 13.77 3.85 17.98
C1 PEG C . 14.15 10.14 6.89
O1 PEG C . 15.43 9.70 7.37
C2 PEG C . 14.39 11.29 5.90
O2 PEG C . 13.39 12.30 6.01
C3 PEG C . 13.91 13.63 6.09
C4 PEG C . 14.00 14.08 7.54
O4 PEG C . 15.28 14.68 7.81
C1 PEG D . 4.31 38.61 -28.37
O1 PEG D . 3.82 38.31 -29.69
C2 PEG D . 5.71 39.22 -28.40
O2 PEG D . 6.40 38.88 -27.20
C3 PEG D . 6.11 39.68 -26.07
C4 PEG D . 6.55 39.01 -24.78
O4 PEG D . 5.51 39.10 -23.79
C1 EDO E . 5.65 15.83 -16.33
O1 EDO E . 4.90 14.90 -17.14
C2 EDO E . 4.71 16.90 -15.81
O2 EDO E . 4.69 16.93 -14.38
C1 PEG F . 11.83 -8.69 29.33
O1 PEG F . 12.77 -7.85 30.01
C2 PEG F . 10.44 -8.47 29.93
O2 PEG F . 10.37 -7.22 30.62
C3 PEG F . 9.06 -6.94 31.11
C4 PEG F . 9.10 -6.54 32.58
O4 PEG F . 9.34 -5.14 32.74
C1 PEG G . -12.80 -19.44 38.37
O1 PEG G . -13.95 -19.90 39.10
C2 PEG G . -12.46 -18.00 38.74
O2 PEG G . -13.12 -17.06 37.87
C3 PEG G . -12.92 -15.70 38.28
C4 PEG G . -13.78 -15.35 39.48
O4 PEG G . -14.51 -14.14 39.25
C1 EDO H . -5.50 -14.59 7.39
O1 EDO H . -4.52 -14.61 8.45
C2 EDO H . -6.41 -15.78 7.53
O2 EDO H . -7.72 -15.50 7.08
#